data_9J6N
#
_entry.id   9J6N
#
_cell.length_a   82.364
_cell.length_b   57.346
_cell.length_c   109.732
_cell.angle_alpha   90.00
_cell.angle_beta   94.93
_cell.angle_gamma   90.00
#
_symmetry.space_group_name_H-M   'P 1 21 1'
#
loop_
_entity.id
_entity.type
_entity.pdbx_description
1 polymer 'Beta-D-galactofuranosidase 2'
2 non-polymer 'HEXAETHYLENE GLYCOL'
3 non-polymer (4S)-2-METHYL-2,4-PENTANEDIOL
4 non-polymer (2~{S},3~{S},4~{S})-2-[(1~{S})-1,2-bis(oxidanyl)ethyl]pyrrolidine-3,4-diol
5 non-polymer 'MAGNESIUM ION'
6 non-polymer 'TETRAETHYLENE GLYCOL'
7 water water
#
_entity_poly.entity_id   1
_entity_poly.type   'polypeptide(L)'
_entity_poly.pdbx_seq_one_letter_code
;MGSSHHHHHHSAALEVLFQGPAPRAWTPKPSPMTTPWTDQVPVDNPLPEYPRPQLTRPDWANLNGIWDFAVTSANAGQPA
TFPEQIRVPFVAESALSGIQRKITQNDKLWYKRTFTVPSNWNGRRVQLNFGASDWRTTVWVNGRQAGAVHSGGYDAFSYD
VTDLLTAGTNTLVVSVWDPTETGTQAVGKQRIRDVAPHPGGGILYTAASGIWQTVWLEPTAAAHVTRLDLVPDPANSRLK
VTVRGAGISGHQARVTVSTGGTTVGTATGPVGTEFTVPVPNPRLWTPEDPFLYDVRADPLSGGTTVDSVGSYTGMRTIAL
ASVGGHQRPVLNGKFVFQTGTLDQGYWPDGIYTAPTDAALRHDLQKHKDLGFNMVRKHIKVEPQRWFYWADRLGLLVWQD
MPNMERTPDAAARTQWEAEYDRIIDQHRSSPSLVLWVNQNEGWGQYDQARLADKVKAYDPTRLVDNMSGVNCCGAVDGGN
GDVVDHHVYVGPGTTVPSATRAAVLGEFGGLGFKVAGHEWYPGGGFSYEDQPDLAHLNNRFVGLIDAIREVRMPRGLSAS
VYTEITDVENEVNGLLTYDRQVVKVDEARVRAANRALIDASRGTTAPLTLPV
;
_entity_poly.pdbx_strand_id   A,B
#
loop_
_chem_comp.id
_chem_comp.type
_chem_comp.name
_chem_comp.formula
A1L3Z non-polymer (2~{S},3~{S},4~{S})-2-[(1~{S})-1,2-bis(oxidanyl)ethyl]pyrrolidine-3,4-diol 'C6 H13 N O4'
MG non-polymer 'MAGNESIUM ION' 'Mg 2'
MPD non-polymer (4S)-2-METHYL-2,4-PENTANEDIOL 'C6 H14 O2'
P6G non-polymer 'HEXAETHYLENE GLYCOL' 'C12 H26 O7'
PG4 non-polymer 'TETRAETHYLENE GLYCOL' 'C8 H18 O5'
#
# COMPACT_ATOMS: atom_id res chain seq x y z
N ALA A 22 -20.78 -8.91 -28.44
CA ALA A 22 -19.91 -8.32 -27.39
C ALA A 22 -20.27 -8.96 -26.06
N PRO A 23 -19.28 -9.20 -25.18
CA PRO A 23 -19.55 -9.73 -23.85
C PRO A 23 -20.10 -8.62 -22.95
N ARG A 24 -20.74 -9.01 -21.84
CA ARG A 24 -21.08 -8.10 -20.77
C ARG A 24 -19.80 -7.42 -20.28
N ALA A 25 -19.78 -6.08 -20.30
CA ALA A 25 -18.59 -5.31 -19.92
C ALA A 25 -18.18 -5.72 -18.52
N TRP A 26 -16.87 -5.74 -18.33
CA TRP A 26 -16.32 -6.04 -17.02
C TRP A 26 -16.94 -5.15 -15.95
N THR A 27 -17.31 -5.78 -14.82
CA THR A 27 -18.01 -5.19 -13.71
C THR A 27 -17.24 -5.50 -12.44
N PRO A 28 -16.77 -4.51 -11.66
CA PRO A 28 -16.15 -4.82 -10.37
C PRO A 28 -17.16 -5.42 -9.41
N LYS A 29 -16.64 -6.21 -8.46
CA LYS A 29 -17.42 -6.91 -7.46
C LYS A 29 -16.97 -6.39 -6.09
N PRO A 30 -17.92 -6.03 -5.20
CA PRO A 30 -17.55 -5.67 -3.85
C PRO A 30 -16.85 -6.86 -3.18
N SER A 31 -15.71 -6.56 -2.58
CA SER A 31 -14.94 -7.54 -1.87
C SER A 31 -15.51 -7.80 -0.48
N PRO A 32 -15.51 -9.06 0.00
CA PRO A 32 -15.97 -9.41 1.34
C PRO A 32 -15.31 -8.66 2.49
N MET A 33 -14.05 -8.28 2.27
CA MET A 33 -13.32 -7.35 3.13
C MET A 33 -12.46 -6.50 2.23
N THR A 34 -12.10 -5.32 2.70
CA THR A 34 -11.29 -4.40 1.93
C THR A 34 -9.87 -4.45 2.46
N THR A 35 -8.90 -4.75 1.61
CA THR A 35 -7.52 -4.61 2.02
C THR A 35 -7.06 -3.21 1.65
N PRO A 36 -5.88 -2.76 2.12
CA PRO A 36 -5.38 -1.45 1.67
C PRO A 36 -5.20 -1.34 0.17
N TRP A 37 -5.18 -2.48 -0.55
CA TRP A 37 -4.83 -2.48 -1.95
C TRP A 37 -6.00 -2.87 -2.85
N THR A 38 -7.15 -3.21 -2.30
CA THR A 38 -8.28 -3.65 -3.11
C THR A 38 -8.59 -2.63 -4.20
N ASP A 39 -8.66 -1.34 -3.82
CA ASP A 39 -8.94 -0.26 -4.77
C ASP A 39 -7.70 0.18 -5.54
N GLN A 40 -6.55 -0.49 -5.36
CA GLN A 40 -5.33 -0.12 -6.05
C GLN A 40 -5.03 -1.03 -7.23
N VAL A 41 -5.94 -1.94 -7.54
CA VAL A 41 -5.64 -2.88 -8.61
C VAL A 41 -5.99 -2.24 -9.95
N PRO A 42 -5.05 -2.09 -10.89
CA PRO A 42 -5.38 -1.63 -12.25
C PRO A 42 -6.43 -2.50 -12.90
N VAL A 43 -7.18 -1.88 -13.81
CA VAL A 43 -8.14 -2.61 -14.61
C VAL A 43 -7.41 -3.37 -15.71
N ASP A 44 -6.63 -2.65 -16.51
CA ASP A 44 -6.06 -3.22 -17.71
C ASP A 44 -4.68 -3.83 -17.51
N ASN A 45 -3.90 -3.42 -16.52
CA ASN A 45 -2.62 -4.11 -16.41
C ASN A 45 -2.33 -4.40 -14.94
N PRO A 46 -3.17 -5.22 -14.27
CA PRO A 46 -2.86 -5.54 -12.88
C PRO A 46 -1.60 -6.42 -12.82
N LEU A 47 -0.98 -6.49 -11.64
CA LEU A 47 0.26 -7.22 -11.40
C LEU A 47 1.23 -6.98 -12.55
N PRO A 48 1.64 -5.70 -12.75
CA PRO A 48 2.46 -5.30 -13.89
C PRO A 48 3.91 -5.70 -13.80
N GLU A 49 4.39 -6.03 -12.60
CA GLU A 49 5.80 -6.28 -12.35
C GLU A 49 6.31 -7.53 -13.08
N TYR A 50 7.59 -7.48 -13.44
CA TYR A 50 8.22 -8.60 -14.10
C TYR A 50 8.03 -9.89 -13.28
N PRO A 51 7.47 -10.94 -13.90
CA PRO A 51 7.08 -12.12 -13.14
C PRO A 51 8.14 -13.14 -12.76
N ARG A 52 9.35 -13.00 -13.30
CA ARG A 52 10.38 -14.02 -13.12
C ARG A 52 11.68 -13.32 -12.79
N PRO A 53 11.75 -12.60 -11.66
CA PRO A 53 12.91 -11.72 -11.41
C PRO A 53 14.25 -12.40 -11.23
N GLN A 54 14.29 -13.75 -11.08
CA GLN A 54 15.58 -14.41 -10.98
C GLN A 54 16.04 -15.00 -12.33
N LEU A 55 15.30 -14.73 -13.44
CA LEU A 55 15.78 -15.09 -14.78
C LEU A 55 15.22 -14.06 -15.76
N THR A 56 15.98 -13.00 -16.05
CA THR A 56 15.42 -11.81 -16.67
C THR A 56 15.93 -11.61 -18.09
N ARG A 57 15.06 -11.04 -18.92
CA ARG A 57 15.44 -10.40 -20.18
C ARG A 57 14.67 -9.10 -20.26
N PRO A 58 15.15 -8.10 -21.02
CA PRO A 58 14.48 -6.80 -21.06
C PRO A 58 13.15 -6.76 -21.78
N ASP A 59 12.96 -7.67 -22.75
CA ASP A 59 11.79 -7.62 -23.60
C ASP A 59 10.74 -8.61 -23.08
N TRP A 60 9.50 -8.12 -22.91
CA TRP A 60 8.37 -8.93 -22.49
C TRP A 60 7.09 -8.12 -22.68
N ALA A 61 5.96 -8.81 -22.64
CA ALA A 61 4.67 -8.15 -22.64
C ALA A 61 3.75 -8.85 -21.68
N ASN A 62 3.04 -8.08 -20.87
CA ASN A 62 2.15 -8.61 -19.85
C ASN A 62 0.76 -8.76 -20.45
N LEU A 63 0.15 -9.96 -20.38
CA LEU A 63 -1.18 -10.18 -20.93
C LEU A 63 -2.26 -10.12 -19.85
N ASN A 64 -1.88 -9.80 -18.60
CA ASN A 64 -2.89 -9.55 -17.58
C ASN A 64 -3.87 -8.47 -18.04
N GLY A 65 -5.06 -8.44 -17.40
CA GLY A 65 -6.03 -7.40 -17.66
C GLY A 65 -7.38 -8.00 -17.97
N ILE A 66 -8.16 -7.35 -18.86
CA ILE A 66 -9.56 -7.75 -19.05
C ILE A 66 -9.66 -8.72 -20.22
N TRP A 67 -10.04 -9.95 -19.91
CA TRP A 67 -10.27 -10.95 -20.94
C TRP A 67 -11.77 -11.21 -21.06
N ASP A 68 -12.18 -11.71 -22.23
CA ASP A 68 -13.53 -12.21 -22.33
C ASP A 68 -13.57 -13.60 -21.70
N PHE A 69 -14.75 -13.96 -21.20
CA PHE A 69 -14.88 -15.09 -20.29
C PHE A 69 -16.20 -15.82 -20.47
N ALA A 70 -16.16 -17.14 -20.19
CA ALA A 70 -17.36 -17.96 -20.16
C ALA A 70 -17.15 -19.08 -19.17
N VAL A 71 -18.27 -19.57 -18.61
CA VAL A 71 -18.26 -20.81 -17.87
C VAL A 71 -19.13 -21.79 -18.64
N THR A 72 -18.53 -22.93 -19.05
CA THR A 72 -19.30 -24.00 -19.67
C THR A 72 -19.34 -25.16 -18.71
N SER A 73 -20.02 -26.23 -19.13
CA SER A 73 -19.81 -27.52 -18.53
C SER A 73 -18.37 -28.01 -18.75
N ALA A 74 -17.98 -28.98 -17.91
CA ALA A 74 -16.61 -29.47 -17.80
C ALA A 74 -16.12 -30.00 -19.13
N ASN A 75 -16.98 -30.71 -19.88
CA ASN A 75 -16.52 -31.35 -21.10
C ASN A 75 -16.96 -30.60 -22.35
N ALA A 76 -17.40 -29.35 -22.18
CA ALA A 76 -17.77 -28.53 -23.34
C ALA A 76 -16.52 -28.16 -24.13
N GLY A 77 -16.67 -28.02 -25.45
CA GLY A 77 -15.62 -27.34 -26.18
C GLY A 77 -15.81 -25.83 -26.12
N GLN A 78 -15.01 -25.15 -26.94
CA GLN A 78 -14.95 -23.72 -26.93
C GLN A 78 -16.34 -23.14 -27.20
N PRO A 79 -16.84 -22.20 -26.38
CA PRO A 79 -18.16 -21.63 -26.66
C PRO A 79 -18.12 -20.71 -27.88
N ALA A 80 -19.25 -20.64 -28.59
CA ALA A 80 -19.39 -19.76 -29.74
C ALA A 80 -19.39 -18.30 -29.32
N THR A 81 -19.92 -18.03 -28.12
CA THR A 81 -19.97 -16.69 -27.55
C THR A 81 -19.35 -16.71 -26.15
N PHE A 82 -18.50 -15.72 -25.88
CA PHE A 82 -18.02 -15.46 -24.53
C PHE A 82 -18.91 -14.36 -23.95
N PRO A 83 -19.85 -14.66 -23.04
CA PRO A 83 -20.77 -13.63 -22.54
C PRO A 83 -20.34 -12.66 -21.45
N GLU A 84 -19.14 -12.85 -20.92
CA GLU A 84 -18.71 -12.07 -19.77
C GLU A 84 -17.27 -11.61 -19.98
N GLN A 85 -16.76 -10.87 -18.99
CA GLN A 85 -15.35 -10.52 -18.94
C GLN A 85 -14.81 -10.78 -17.53
N ILE A 86 -13.53 -11.13 -17.45
CA ILE A 86 -12.84 -11.37 -16.21
C ILE A 86 -11.52 -10.62 -16.18
N ARG A 87 -11.05 -10.29 -14.96
CA ARG A 87 -9.75 -9.65 -14.80
C ARG A 87 -8.70 -10.69 -14.40
N VAL A 88 -7.88 -11.05 -15.36
CA VAL A 88 -6.74 -11.93 -15.21
C VAL A 88 -5.64 -11.13 -14.50
N PRO A 89 -4.92 -11.67 -13.46
CA PRO A 89 -4.98 -13.09 -13.09
C PRO A 89 -5.64 -13.37 -11.75
N PHE A 90 -6.93 -13.03 -11.63
CA PHE A 90 -7.68 -13.34 -10.41
C PHE A 90 -8.70 -14.45 -10.66
N VAL A 91 -8.73 -15.42 -9.75
CA VAL A 91 -9.58 -16.58 -9.97
C VAL A 91 -11.03 -16.15 -10.00
N ALA A 92 -11.86 -17.02 -10.56
CA ALA A 92 -13.28 -16.72 -10.73
C ALA A 92 -14.01 -16.55 -9.38
N GLU A 93 -13.50 -17.15 -8.31
CA GLU A 93 -14.14 -17.11 -7.00
C GLU A 93 -13.90 -15.77 -6.32
N SER A 94 -12.91 -15.01 -6.80
CA SER A 94 -12.52 -13.78 -6.17
C SER A 94 -13.37 -12.59 -6.62
N ALA A 95 -13.48 -11.61 -5.71
CA ALA A 95 -14.09 -10.34 -6.05
C ALA A 95 -13.23 -9.60 -7.08
N LEU A 96 -11.90 -9.66 -6.97
CA LEU A 96 -11.04 -8.89 -7.86
C LEU A 96 -11.17 -9.29 -9.32
N SER A 97 -11.64 -10.52 -9.60
CA SER A 97 -11.80 -11.02 -10.96
C SER A 97 -12.93 -10.27 -11.67
N GLY A 98 -13.86 -9.70 -10.89
CA GLY A 98 -15.08 -9.14 -11.45
C GLY A 98 -16.17 -10.20 -11.70
N ILE A 99 -15.91 -11.45 -11.31
CA ILE A 99 -16.84 -12.54 -11.52
C ILE A 99 -17.39 -12.99 -10.17
N GLN A 100 -16.52 -13.49 -9.31
CA GLN A 100 -16.89 -13.85 -7.94
C GLN A 100 -18.00 -14.91 -7.88
N ARG A 101 -17.71 -16.08 -8.46
CA ARG A 101 -18.65 -17.17 -8.50
C ARG A 101 -18.00 -18.48 -8.10
N LYS A 102 -18.79 -19.33 -7.45
CA LYS A 102 -18.42 -20.69 -7.11
C LYS A 102 -18.28 -21.49 -8.40
N ILE A 103 -17.17 -22.22 -8.51
CA ILE A 103 -16.82 -23.05 -9.65
C ILE A 103 -16.70 -24.50 -9.18
N THR A 104 -17.43 -25.43 -9.81
CA THR A 104 -17.43 -26.82 -9.39
C THR A 104 -16.68 -27.65 -10.42
N GLN A 105 -16.59 -28.94 -10.14
CA GLN A 105 -15.94 -29.91 -11.02
C GLN A 105 -16.75 -30.12 -12.31
N ASN A 106 -18.00 -29.70 -12.33
CA ASN A 106 -18.88 -29.89 -13.50
C ASN A 106 -18.82 -28.68 -14.43
N ASP A 107 -18.01 -27.68 -14.05
CA ASP A 107 -17.80 -26.46 -14.79
C ASP A 107 -16.44 -26.47 -15.49
N LYS A 108 -16.27 -25.57 -16.47
CA LYS A 108 -14.95 -25.29 -17.04
C LYS A 108 -14.90 -23.80 -17.37
N LEU A 109 -13.74 -23.19 -17.10
CA LEU A 109 -13.54 -21.79 -17.37
C LEU A 109 -12.95 -21.60 -18.77
N TRP A 110 -13.49 -20.62 -19.51
CA TRP A 110 -13.00 -20.20 -20.81
C TRP A 110 -12.59 -18.73 -20.80
N TYR A 111 -11.34 -18.52 -21.23
CA TYR A 111 -10.78 -17.20 -21.35
C TYR A 111 -10.37 -16.93 -22.79
N LYS A 112 -10.57 -15.70 -23.22
CA LYS A 112 -10.18 -15.28 -24.56
C LYS A 112 -9.74 -13.83 -24.53
N ARG A 113 -8.58 -13.56 -25.16
CA ARG A 113 -8.21 -12.18 -25.44
C ARG A 113 -7.42 -12.09 -26.75
N THR A 114 -7.46 -10.89 -27.32
CA THR A 114 -6.64 -10.56 -28.47
C THR A 114 -5.32 -9.97 -27.98
N PHE A 115 -4.29 -10.08 -28.82
CA PHE A 115 -3.00 -9.47 -28.49
C PHE A 115 -2.22 -9.29 -29.78
N THR A 116 -1.26 -8.36 -29.74
CA THR A 116 -0.35 -8.06 -30.84
CA THR A 116 -0.35 -8.18 -30.86
C THR A 116 1.07 -8.38 -30.35
N VAL A 117 1.96 -8.81 -31.24
CA VAL A 117 3.35 -9.07 -30.88
C VAL A 117 4.15 -7.81 -31.19
N PRO A 118 4.94 -7.23 -30.25
CA PRO A 118 5.75 -6.05 -30.57
C PRO A 118 6.62 -6.30 -31.82
N SER A 119 6.60 -5.36 -32.76
CA SER A 119 7.25 -5.58 -34.03
C SER A 119 8.77 -5.73 -33.89
N ASN A 120 9.34 -5.20 -32.79
CA ASN A 120 10.77 -5.27 -32.53
C ASN A 120 11.20 -6.68 -32.14
N TRP A 121 10.24 -7.62 -31.99
CA TRP A 121 10.55 -9.00 -31.67
C TRP A 121 10.72 -9.82 -32.94
N ASN A 122 10.60 -9.18 -34.09
CA ASN A 122 10.75 -9.87 -35.37
C ASN A 122 12.06 -10.65 -35.38
N GLY A 123 12.00 -11.92 -35.80
CA GLY A 123 13.20 -12.74 -35.93
C GLY A 123 13.58 -13.52 -34.68
N ARG A 124 12.79 -13.35 -33.60
CA ARG A 124 12.90 -14.16 -32.40
C ARG A 124 11.71 -15.11 -32.30
N ARG A 125 11.95 -16.19 -31.53
CA ARG A 125 10.90 -17.07 -31.10
C ARG A 125 10.11 -16.33 -30.04
N VAL A 126 8.86 -16.75 -29.85
CA VAL A 126 8.02 -16.09 -28.89
C VAL A 126 7.47 -17.15 -27.95
N GLN A 127 7.70 -16.95 -26.64
CA GLN A 127 7.23 -17.85 -25.62
C GLN A 127 6.04 -17.23 -24.90
N LEU A 128 5.02 -18.05 -24.68
CA LEU A 128 3.87 -17.69 -23.88
C LEU A 128 4.01 -18.38 -22.54
N ASN A 129 3.99 -17.57 -21.48
CA ASN A 129 4.37 -18.02 -20.15
C ASN A 129 3.18 -17.90 -19.21
N PHE A 130 2.87 -18.97 -18.48
CA PHE A 130 1.86 -18.94 -17.42
C PHE A 130 2.56 -19.19 -16.09
N GLY A 131 2.41 -18.30 -15.11
CA GLY A 131 3.00 -18.58 -13.81
C GLY A 131 2.28 -19.75 -13.11
N ALA A 132 0.95 -19.74 -13.19
CA ALA A 132 0.13 -20.81 -12.65
C ALA A 132 -1.32 -20.69 -13.11
N SER A 133 -1.99 -21.84 -13.18
CA SER A 133 -3.40 -21.94 -13.58
C SER A 133 -3.92 -23.24 -12.97
N ASP A 134 -5.00 -23.16 -12.22
CA ASP A 134 -5.48 -24.29 -11.44
C ASP A 134 -6.78 -24.79 -12.10
N TRP A 135 -6.86 -26.04 -12.59
CA TRP A 135 -5.86 -27.09 -12.47
C TRP A 135 -5.35 -27.59 -13.82
N ARG A 136 -6.28 -27.81 -14.77
CA ARG A 136 -5.95 -28.43 -16.05
C ARG A 136 -6.22 -27.40 -17.15
N THR A 137 -5.13 -26.94 -17.78
CA THR A 137 -5.17 -25.79 -18.68
C THR A 137 -4.87 -26.25 -20.11
N THR A 138 -5.70 -25.83 -21.07
CA THR A 138 -5.47 -26.07 -22.49
C THR A 138 -5.44 -24.74 -23.22
N VAL A 139 -4.52 -24.59 -24.18
CA VAL A 139 -4.26 -23.28 -24.76
C VAL A 139 -4.30 -23.38 -26.29
N TRP A 140 -5.06 -22.45 -26.90
CA TRP A 140 -5.09 -22.27 -28.34
C TRP A 140 -4.69 -20.85 -28.73
N VAL A 141 -3.81 -20.77 -29.72
CA VAL A 141 -3.41 -19.50 -30.30
C VAL A 141 -3.93 -19.51 -31.74
N ASN A 142 -4.79 -18.54 -32.06
CA ASN A 142 -5.37 -18.46 -33.39
C ASN A 142 -5.99 -19.78 -33.81
N GLY A 143 -6.62 -20.44 -32.84
CA GLY A 143 -7.40 -21.63 -33.13
C GLY A 143 -6.59 -22.91 -33.10
N ARG A 144 -5.28 -22.83 -32.81
CA ARG A 144 -4.39 -23.97 -32.89
C ARG A 144 -3.87 -24.26 -31.50
N GLN A 145 -3.96 -25.52 -31.09
CA GLN A 145 -3.50 -25.90 -29.76
C GLN A 145 -1.99 -25.65 -29.65
N ALA A 146 -1.56 -24.98 -28.58
CA ALA A 146 -0.21 -24.50 -28.47
C ALA A 146 0.74 -25.61 -28.02
N GLY A 147 0.23 -26.68 -27.40
CA GLY A 147 1.05 -27.76 -26.92
C GLY A 147 0.24 -28.64 -25.98
N ALA A 148 0.91 -29.45 -25.18
CA ALA A 148 0.25 -30.40 -24.30
C ALA A 148 -0.60 -29.67 -23.27
N VAL A 149 -1.72 -30.29 -22.91
CA VAL A 149 -2.51 -29.86 -21.78
C VAL A 149 -1.61 -29.86 -20.54
N HIS A 150 -1.70 -28.83 -19.70
CA HIS A 150 -0.92 -28.75 -18.48
C HIS A 150 -1.82 -29.06 -17.28
N SER A 151 -1.36 -30.01 -16.45
CA SER A 151 -2.11 -30.39 -15.27
C SER A 151 -1.25 -30.06 -14.05
N GLY A 152 -1.77 -29.17 -13.18
CA GLY A 152 -1.07 -28.79 -11.94
C GLY A 152 -1.27 -27.31 -11.71
N GLY A 153 -1.66 -26.94 -10.48
CA GLY A 153 -2.10 -25.60 -10.17
C GLY A 153 -1.03 -24.71 -9.58
N TYR A 154 0.19 -25.22 -9.39
CA TYR A 154 1.19 -24.51 -8.62
C TYR A 154 2.51 -24.32 -9.36
N ASP A 155 2.64 -24.91 -10.55
CA ASP A 155 3.89 -24.85 -11.29
C ASP A 155 3.68 -24.06 -12.57
N ALA A 156 4.70 -23.25 -12.89
CA ALA A 156 4.73 -22.47 -14.11
C ALA A 156 4.96 -23.37 -15.32
N PHE A 157 4.45 -22.89 -16.48
CA PHE A 157 4.52 -23.65 -17.72
C PHE A 157 4.50 -22.67 -18.88
N SER A 158 4.96 -23.12 -20.04
CA SER A 158 5.09 -22.19 -21.14
C SER A 158 5.00 -22.97 -22.44
N TYR A 159 4.59 -22.28 -23.50
CA TYR A 159 4.59 -22.80 -24.85
C TYR A 159 5.34 -21.90 -25.82
N ASP A 160 6.03 -22.55 -26.75
CA ASP A 160 6.64 -21.79 -27.82
C ASP A 160 5.57 -21.60 -28.90
N VAL A 161 5.07 -20.38 -29.06
CA VAL A 161 3.92 -20.10 -29.92
C VAL A 161 4.29 -19.42 -31.23
N THR A 162 5.60 -19.32 -31.52
CA THR A 162 6.13 -18.61 -32.67
C THR A 162 5.34 -18.96 -33.95
N ASP A 163 5.16 -20.24 -34.20
CA ASP A 163 4.65 -20.71 -35.49
C ASP A 163 3.15 -20.47 -35.63
N LEU A 164 2.48 -20.12 -34.53
CA LEU A 164 1.03 -19.96 -34.50
C LEU A 164 0.61 -18.50 -34.65
N LEU A 165 1.55 -17.57 -34.55
CA LEU A 165 1.28 -16.15 -34.52
C LEU A 165 1.01 -15.59 -35.91
N THR A 166 0.26 -14.49 -35.93
CA THR A 166 0.18 -13.64 -37.13
C THR A 166 0.81 -12.30 -36.83
N ALA A 167 1.06 -11.53 -37.88
CA ALA A 167 1.56 -10.17 -37.75
C ALA A 167 0.42 -9.21 -37.38
N GLY A 168 -0.81 -9.71 -37.43
CA GLY A 168 -1.96 -8.90 -37.10
C GLY A 168 -2.38 -9.07 -35.65
N THR A 169 -3.69 -9.04 -35.47
CA THR A 169 -4.32 -9.32 -34.21
C THR A 169 -4.34 -10.82 -34.02
N ASN A 170 -3.75 -11.29 -32.91
CA ASN A 170 -3.79 -12.69 -32.52
C ASN A 170 -4.89 -12.89 -31.48
N THR A 171 -5.42 -14.11 -31.43
CA THR A 171 -6.36 -14.49 -30.40
C THR A 171 -5.73 -15.59 -29.55
N LEU A 172 -5.87 -15.45 -28.23
CA LEU A 172 -5.49 -16.44 -27.24
C LEU A 172 -6.75 -16.93 -26.51
N VAL A 173 -7.01 -18.24 -26.57
CA VAL A 173 -8.09 -18.88 -25.85
C VAL A 173 -7.50 -19.91 -24.87
N VAL A 174 -7.95 -19.88 -23.62
CA VAL A 174 -7.49 -20.81 -22.61
C VAL A 174 -8.71 -21.42 -21.92
N SER A 175 -8.74 -22.75 -21.82
CA SER A 175 -9.73 -23.42 -20.98
C SER A 175 -9.01 -23.89 -19.72
N VAL A 176 -9.73 -23.79 -18.59
CA VAL A 176 -9.22 -24.28 -17.31
C VAL A 176 -10.34 -25.02 -16.58
N TRP A 177 -10.06 -26.31 -16.31
CA TRP A 177 -10.90 -27.18 -15.51
C TRP A 177 -10.24 -27.33 -14.14
N ASP A 178 -11.05 -27.22 -13.07
CA ASP A 178 -10.53 -27.45 -11.74
C ASP A 178 -11.60 -28.18 -10.93
N PRO A 179 -11.36 -29.45 -10.51
CA PRO A 179 -12.32 -30.21 -9.72
C PRO A 179 -12.23 -29.93 -8.22
N THR A 180 -11.25 -29.09 -7.81
CA THR A 180 -10.91 -28.89 -6.41
C THR A 180 -10.87 -30.26 -5.72
N GLU A 181 -11.44 -30.36 -4.50
CA GLU A 181 -11.20 -31.57 -3.71
C GLU A 181 -11.92 -32.79 -4.29
N THR A 182 -12.79 -32.66 -5.30
CA THR A 182 -13.38 -33.84 -5.93
C THR A 182 -12.35 -34.58 -6.77
N GLY A 183 -11.26 -33.89 -7.16
CA GLY A 183 -10.14 -34.51 -7.85
C GLY A 183 -9.15 -35.15 -6.88
N THR A 184 -8.15 -35.85 -7.45
CA THR A 184 -7.14 -36.57 -6.68
C THR A 184 -5.84 -35.74 -6.66
N GLN A 185 -5.92 -34.48 -7.07
CA GLN A 185 -4.73 -33.65 -7.26
C GLN A 185 -4.41 -32.75 -6.05
N ALA A 186 -3.19 -32.21 -6.04
CA ALA A 186 -2.79 -31.23 -5.03
C ALA A 186 -3.76 -30.06 -4.97
N VAL A 187 -4.37 -29.81 -3.79
CA VAL A 187 -5.40 -28.80 -3.58
C VAL A 187 -5.15 -27.89 -2.38
N GLY A 188 -4.40 -28.38 -1.40
CA GLY A 188 -4.14 -27.61 -0.21
C GLY A 188 -5.44 -27.30 0.52
N LYS A 189 -5.65 -26.01 0.85
CA LYS A 189 -6.79 -25.55 1.65
C LYS A 189 -8.05 -25.27 0.80
N GLN A 190 -7.97 -25.43 -0.51
CA GLN A 190 -9.06 -25.06 -1.39
C GLN A 190 -10.21 -26.06 -1.27
N ARG A 191 -11.43 -25.54 -1.09
CA ARG A 191 -12.62 -26.39 -1.16
C ARG A 191 -13.73 -25.67 -1.91
N ILE A 192 -14.60 -26.44 -2.56
CA ILE A 192 -15.71 -25.85 -3.27
C ILE A 192 -16.65 -25.24 -2.22
N ARG A 193 -16.78 -23.92 -2.27
CA ARG A 193 -17.50 -23.15 -1.29
C ARG A 193 -18.29 -22.05 -1.96
N ASP A 194 -19.50 -21.82 -1.44
CA ASP A 194 -20.19 -20.60 -1.78
C ASP A 194 -19.30 -19.42 -1.41
N VAL A 195 -19.28 -18.41 -2.26
CA VAL A 195 -18.26 -17.38 -2.15
C VAL A 195 -18.61 -16.34 -1.07
N ALA A 196 -19.88 -16.10 -0.77
CA ALA A 196 -20.21 -15.05 0.21
C ALA A 196 -19.74 -15.54 1.58
N PRO A 197 -19.16 -14.67 2.45
CA PRO A 197 -18.78 -15.12 3.79
C PRO A 197 -19.94 -15.84 4.49
N HIS A 198 -19.58 -16.91 5.18
CA HIS A 198 -20.51 -17.68 5.97
C HIS A 198 -19.71 -18.32 7.10
N PRO A 199 -20.35 -18.78 8.18
CA PRO A 199 -19.63 -19.58 9.19
C PRO A 199 -19.58 -21.05 8.84
N GLY A 200 -18.70 -21.76 9.57
CA GLY A 200 -18.72 -23.21 9.72
C GLY A 200 -17.85 -23.95 8.71
N GLY A 201 -16.95 -23.23 8.05
CA GLY A 201 -16.00 -23.83 7.11
C GLY A 201 -14.70 -24.34 7.73
N GLY A 202 -14.47 -24.06 9.01
CA GLY A 202 -13.27 -24.56 9.67
C GLY A 202 -11.98 -24.07 8.99
N ILE A 203 -10.97 -24.95 8.95
CA ILE A 203 -9.65 -24.59 8.47
C ILE A 203 -9.53 -24.76 6.95
N LEU A 204 -10.62 -24.96 6.23
CA LEU A 204 -10.61 -25.04 4.76
C LEU A 204 -11.34 -23.84 4.19
N TYR A 205 -10.92 -23.35 3.02
CA TYR A 205 -11.34 -22.04 2.56
C TYR A 205 -11.84 -22.10 1.10
N THR A 206 -12.23 -20.90 0.64
CA THR A 206 -12.68 -20.64 -0.72
C THR A 206 -11.70 -21.26 -1.70
N ALA A 207 -12.23 -21.95 -2.71
CA ALA A 207 -11.44 -22.52 -3.77
C ALA A 207 -10.88 -21.45 -4.70
N ALA A 208 -9.86 -21.84 -5.45
CA ALA A 208 -9.20 -20.98 -6.42
C ALA A 208 -9.16 -21.69 -7.75
N SER A 209 -9.98 -21.23 -8.71
CA SER A 209 -10.07 -21.86 -10.02
C SER A 209 -9.73 -20.88 -11.10
N GLY A 210 -8.80 -21.32 -11.99
CA GLY A 210 -8.42 -20.59 -13.18
C GLY A 210 -7.03 -20.02 -13.08
N ILE A 211 -6.82 -18.97 -13.87
CA ILE A 211 -5.52 -18.36 -14.06
C ILE A 211 -5.32 -17.43 -12.87
N TRP A 212 -4.28 -17.71 -12.07
CA TRP A 212 -4.11 -16.93 -10.84
C TRP A 212 -2.73 -16.30 -10.74
N GLN A 213 -1.89 -16.41 -11.77
CA GLN A 213 -0.60 -15.72 -11.82
C GLN A 213 -0.45 -15.13 -13.22
N THR A 214 0.46 -14.15 -13.33
CA THR A 214 0.65 -13.39 -14.55
C THR A 214 0.79 -14.31 -15.78
N VAL A 215 0.11 -13.91 -16.87
CA VAL A 215 0.32 -14.52 -18.18
C VAL A 215 1.08 -13.51 -19.02
N TRP A 216 2.09 -14.00 -19.73
CA TRP A 216 2.94 -13.03 -20.43
C TRP A 216 3.65 -13.68 -21.60
N LEU A 217 4.20 -12.78 -22.43
CA LEU A 217 4.96 -13.18 -23.59
C LEU A 217 6.40 -12.70 -23.47
N GLU A 218 7.30 -13.44 -24.10
CA GLU A 218 8.63 -12.91 -24.28
C GLU A 218 9.26 -13.43 -25.55
N PRO A 219 10.12 -12.61 -26.21
CA PRO A 219 10.95 -13.09 -27.31
C PRO A 219 12.26 -13.71 -26.84
N THR A 220 12.73 -14.72 -27.56
CA THR A 220 13.96 -15.44 -27.24
C THR A 220 14.62 -15.84 -28.54
N ALA A 221 15.95 -15.95 -28.52
CA ALA A 221 16.64 -16.66 -29.57
C ALA A 221 16.08 -18.08 -29.64
N ALA A 222 16.27 -18.76 -30.76
CA ALA A 222 15.85 -20.16 -30.81
C ALA A 222 16.57 -20.98 -29.74
N ALA A 223 17.88 -20.78 -29.62
CA ALA A 223 18.66 -21.42 -28.58
C ALA A 223 18.70 -20.48 -27.40
N HIS A 224 18.08 -20.84 -26.26
CA HIS A 224 17.94 -19.87 -25.19
C HIS A 224 17.91 -20.58 -23.84
N VAL A 225 18.21 -19.82 -22.80
CA VAL A 225 18.22 -20.31 -21.43
C VAL A 225 16.79 -20.43 -20.90
N THR A 226 16.48 -21.55 -20.26
CA THR A 226 15.17 -21.72 -19.64
C THR A 226 15.27 -21.84 -18.13
N ARG A 227 16.45 -22.10 -17.61
CA ARG A 227 16.56 -22.37 -16.18
C ARG A 227 17.99 -22.22 -15.74
N LEU A 228 18.16 -21.64 -14.54
CA LEU A 228 19.46 -21.53 -13.91
C LEU A 228 19.38 -22.22 -12.56
N ASP A 229 20.39 -23.05 -12.26
CA ASP A 229 20.50 -23.66 -10.96
C ASP A 229 21.78 -23.11 -10.32
N LEU A 230 21.59 -22.17 -9.40
CA LEU A 230 22.69 -21.47 -8.79
C LEU A 230 22.77 -21.96 -7.36
N VAL A 231 23.84 -22.70 -7.05
CA VAL A 231 23.98 -23.34 -5.74
C VAL A 231 25.18 -22.78 -5.02
N PRO A 232 25.01 -21.89 -4.02
CA PRO A 232 26.15 -21.31 -3.28
C PRO A 232 27.02 -22.36 -2.61
N ASP A 233 28.33 -22.15 -2.72
CA ASP A 233 29.32 -22.95 -2.02
C ASP A 233 30.29 -21.96 -1.40
N PRO A 234 29.82 -21.09 -0.48
CA PRO A 234 30.70 -20.09 0.14
C PRO A 234 31.93 -20.62 0.88
N ALA A 235 31.83 -21.84 1.45
CA ALA A 235 32.97 -22.44 2.15
C ALA A 235 34.11 -22.67 1.17
N ASN A 236 33.80 -22.75 -0.12
CA ASN A 236 34.78 -22.92 -1.16
C ASN A 236 34.88 -21.67 -2.03
N SER A 237 34.34 -20.54 -1.53
CA SER A 237 34.43 -19.25 -2.19
C SER A 237 34.00 -19.33 -3.66
N ARG A 238 32.91 -20.02 -3.93
CA ARG A 238 32.48 -20.21 -5.30
C ARG A 238 30.97 -20.43 -5.37
N LEU A 239 30.43 -20.22 -6.58
CA LEU A 239 29.03 -20.48 -6.90
C LEU A 239 29.03 -21.64 -7.88
N LYS A 240 28.22 -22.66 -7.57
CA LYS A 240 28.02 -23.79 -8.45
C LYS A 240 26.86 -23.46 -9.37
N VAL A 241 27.11 -23.55 -10.67
CA VAL A 241 26.12 -23.12 -11.63
C VAL A 241 25.83 -24.22 -12.65
N THR A 242 24.54 -24.43 -12.91
CA THR A 242 24.13 -25.21 -14.06
C THR A 242 23.22 -24.34 -14.91
N VAL A 243 23.65 -24.06 -16.14
CA VAL A 243 22.87 -23.33 -17.12
C VAL A 243 22.09 -24.35 -17.92
N ARG A 244 20.78 -24.16 -18.07
CA ARG A 244 19.93 -25.11 -18.77
C ARG A 244 19.05 -24.39 -19.77
N GLY A 245 18.70 -25.05 -20.86
CA GLY A 245 17.70 -24.46 -21.73
C GLY A 245 17.31 -25.30 -22.93
N ALA A 246 16.97 -24.58 -24.00
CA ALA A 246 16.39 -25.14 -25.21
C ALA A 246 17.39 -24.98 -26.34
N GLY A 247 17.91 -26.10 -26.87
CA GLY A 247 18.79 -26.02 -28.01
C GLY A 247 20.22 -25.61 -27.66
N ILE A 248 20.57 -25.47 -26.38
CA ILE A 248 21.87 -24.91 -26.04
C ILE A 248 22.81 -25.98 -25.51
N SER A 249 22.42 -27.25 -25.58
CA SER A 249 23.17 -28.28 -24.86
C SER A 249 24.53 -28.48 -25.52
N GLY A 250 24.71 -28.03 -26.76
CA GLY A 250 26.05 -28.15 -27.33
C GLY A 250 26.96 -26.95 -27.08
N HIS A 251 26.48 -25.96 -26.33
CA HIS A 251 27.16 -24.68 -26.22
C HIS A 251 27.94 -24.63 -24.91
N GLN A 252 28.85 -23.67 -24.82
CA GLN A 252 29.40 -23.23 -23.56
C GLN A 252 28.51 -22.11 -23.04
N ALA A 253 28.74 -21.76 -21.78
CA ALA A 253 28.08 -20.61 -21.19
C ALA A 253 29.07 -19.84 -20.34
N ARG A 254 29.03 -18.51 -20.47
CA ARG A 254 29.76 -17.62 -19.61
C ARG A 254 28.84 -17.17 -18.47
N VAL A 255 29.25 -17.44 -17.22
CA VAL A 255 28.51 -16.95 -16.07
C VAL A 255 29.40 -16.02 -15.27
N THR A 256 28.84 -14.85 -14.93
CA THR A 256 29.56 -13.78 -14.25
C THR A 256 28.78 -13.38 -13.00
N VAL A 257 29.48 -13.31 -11.89
CA VAL A 257 28.95 -12.81 -10.63
C VAL A 257 29.53 -11.42 -10.41
N SER A 258 28.67 -10.49 -9.97
CA SER A 258 29.04 -9.10 -9.80
C SER A 258 28.22 -8.48 -8.68
N THR A 259 28.64 -7.27 -8.30
CA THR A 259 27.93 -6.43 -7.36
C THR A 259 28.18 -5.00 -7.82
N GLY A 260 27.09 -4.28 -8.10
CA GLY A 260 27.19 -2.97 -8.71
C GLY A 260 28.01 -3.07 -9.99
N GLY A 261 29.02 -2.21 -10.15
CA GLY A 261 29.83 -2.26 -11.36
C GLY A 261 31.04 -3.19 -11.25
N THR A 262 31.19 -3.90 -10.12
CA THR A 262 32.33 -4.73 -9.81
C THR A 262 32.08 -6.17 -10.22
N THR A 263 32.89 -6.68 -11.16
CA THR A 263 32.94 -8.08 -11.43
C THR A 263 33.58 -8.80 -10.24
N VAL A 264 32.93 -9.86 -9.74
CA VAL A 264 33.45 -10.62 -8.62
C VAL A 264 34.13 -11.90 -9.09
N GLY A 265 33.50 -12.54 -10.08
CA GLY A 265 34.09 -13.67 -10.76
C GLY A 265 33.31 -14.03 -12.02
N THR A 266 34.02 -14.75 -12.88
CA THR A 266 33.46 -15.23 -14.13
C THR A 266 34.11 -16.56 -14.49
N ALA A 267 33.36 -17.40 -15.20
CA ALA A 267 33.86 -18.65 -15.71
C ALA A 267 33.02 -19.02 -16.93
N THR A 268 33.67 -19.74 -17.86
CA THR A 268 32.96 -20.31 -18.98
C THR A 268 32.94 -21.82 -18.78
N GLY A 269 31.76 -22.44 -18.92
CA GLY A 269 31.68 -23.87 -18.73
C GLY A 269 30.61 -24.46 -19.63
N PRO A 270 30.40 -25.78 -19.54
CA PRO A 270 29.48 -26.48 -20.45
C PRO A 270 28.05 -26.20 -19.99
N VAL A 271 27.13 -26.02 -20.93
CA VAL A 271 25.72 -25.99 -20.59
C VAL A 271 25.26 -27.36 -20.10
N GLY A 272 24.42 -27.38 -19.08
CA GLY A 272 23.76 -28.63 -18.65
C GLY A 272 24.56 -29.44 -17.65
N THR A 273 25.78 -29.02 -17.35
CA THR A 273 26.62 -29.68 -16.36
C THR A 273 27.13 -28.64 -15.38
N GLU A 274 27.13 -28.98 -14.09
CA GLU A 274 27.52 -28.02 -13.06
C GLU A 274 28.98 -27.59 -13.23
N PHE A 275 29.26 -26.31 -13.06
CA PHE A 275 30.64 -25.82 -13.05
C PHE A 275 30.71 -24.70 -12.04
N THR A 276 31.89 -24.20 -11.69
CA THR A 276 31.92 -23.26 -10.59
C THR A 276 32.43 -21.92 -11.10
N VAL A 277 31.92 -20.85 -10.46
CA VAL A 277 32.33 -19.48 -10.74
C VAL A 277 32.92 -18.96 -9.44
N PRO A 278 34.15 -18.40 -9.42
CA PRO A 278 34.67 -17.85 -8.17
C PRO A 278 33.83 -16.75 -7.57
N VAL A 279 33.73 -16.76 -6.24
CA VAL A 279 33.12 -15.68 -5.48
C VAL A 279 34.07 -15.43 -4.32
N PRO A 280 35.20 -14.73 -4.58
CA PRO A 280 36.19 -14.54 -3.52
C PRO A 280 35.63 -13.70 -2.39
N ASN A 281 36.06 -14.00 -1.16
CA ASN A 281 35.71 -13.20 0.01
C ASN A 281 34.20 -13.01 0.04
N PRO A 282 33.39 -14.08 -0.02
CA PRO A 282 31.95 -13.89 -0.17
C PRO A 282 31.28 -13.18 0.99
N ARG A 283 30.40 -12.24 0.64
CA ARG A 283 29.45 -11.68 1.60
C ARG A 283 28.23 -12.60 1.65
N LEU A 284 27.97 -13.10 2.85
CA LEU A 284 27.00 -14.19 3.04
C LEU A 284 25.60 -13.59 3.08
N TRP A 285 24.66 -14.38 2.57
CA TRP A 285 23.24 -14.10 2.77
C TRP A 285 22.79 -14.67 4.11
N THR A 286 22.15 -13.81 4.93
CA THR A 286 21.47 -14.19 6.16
C THR A 286 20.19 -13.36 6.23
N PRO A 287 19.25 -13.77 7.10
CA PRO A 287 18.12 -12.90 7.33
C PRO A 287 18.49 -11.48 7.76
N GLU A 288 19.56 -11.32 8.55
CA GLU A 288 19.99 -10.02 9.04
C GLU A 288 20.68 -9.22 7.96
N ASP A 289 21.39 -9.91 7.06
CA ASP A 289 22.06 -9.25 5.93
C ASP A 289 21.80 -10.04 4.64
N PRO A 290 20.61 -9.87 4.02
CA PRO A 290 20.26 -10.67 2.85
C PRO A 290 20.94 -10.24 1.56
N PHE A 291 22.26 -10.26 1.60
CA PHE A 291 23.05 -9.72 0.52
C PHE A 291 22.84 -10.58 -0.73
N LEU A 292 22.65 -9.91 -1.86
CA LEU A 292 22.47 -10.55 -3.15
C LEU A 292 23.49 -10.01 -4.15
N TYR A 293 24.11 -10.93 -4.86
CA TYR A 293 25.02 -10.65 -5.96
C TYR A 293 24.23 -10.76 -7.25
N ASP A 294 24.55 -9.90 -8.22
CA ASP A 294 24.05 -10.09 -9.57
C ASP A 294 24.75 -11.27 -10.24
N VAL A 295 24.01 -11.93 -11.12
CA VAL A 295 24.50 -13.08 -11.88
C VAL A 295 24.01 -12.90 -13.32
N ARG A 296 24.91 -13.10 -14.29
CA ARG A 296 24.50 -13.05 -15.69
C ARG A 296 24.96 -14.35 -16.33
N ALA A 297 24.12 -14.95 -17.20
CA ALA A 297 24.47 -16.18 -17.89
C ALA A 297 24.28 -16.02 -19.38
N ASP A 298 25.34 -16.31 -20.16
CA ASP A 298 25.33 -16.12 -21.61
C ASP A 298 25.75 -17.42 -22.29
N PRO A 299 24.82 -18.19 -22.88
CA PRO A 299 25.21 -19.26 -23.79
C PRO A 299 25.96 -18.65 -24.96
N LEU A 300 27.05 -19.35 -25.36
CA LEU A 300 28.02 -18.86 -26.33
C LEU A 300 28.16 -19.88 -27.43
N SER A 301 28.34 -19.37 -28.65
CA SER A 301 28.94 -20.10 -29.74
C SER A 301 30.26 -19.42 -30.06
N GLY A 302 31.40 -20.06 -29.70
CA GLY A 302 32.69 -19.42 -29.80
C GLY A 302 32.79 -18.23 -28.83
N GLY A 303 32.79 -17.02 -29.40
CA GLY A 303 32.73 -15.78 -28.63
C GLY A 303 31.43 -15.05 -28.89
N THR A 304 30.49 -15.71 -29.59
CA THR A 304 29.22 -15.07 -29.94
C THR A 304 28.16 -15.41 -28.90
N THR A 305 27.56 -14.38 -28.30
CA THR A 305 26.51 -14.57 -27.30
C THR A 305 25.23 -14.90 -28.07
N VAL A 306 24.56 -15.97 -27.69
CA VAL A 306 23.37 -16.45 -28.38
C VAL A 306 22.12 -15.98 -27.65
N ASP A 307 22.25 -15.79 -26.33
CA ASP A 307 21.20 -15.34 -25.44
C ASP A 307 21.92 -14.84 -24.19
N SER A 308 21.20 -14.06 -23.36
CA SER A 308 21.72 -13.51 -22.13
C SER A 308 20.58 -13.31 -21.15
N VAL A 309 20.75 -13.82 -19.93
CA VAL A 309 19.74 -13.64 -18.90
C VAL A 309 20.41 -13.09 -17.65
N GLY A 310 19.64 -12.25 -16.94
CA GLY A 310 20.06 -11.73 -15.64
C GLY A 310 19.50 -12.59 -14.52
N SER A 311 20.24 -12.63 -13.41
CA SER A 311 19.80 -13.36 -12.25
C SER A 311 20.47 -12.78 -11.02
N TYR A 312 20.48 -13.55 -9.94
CA TYR A 312 21.09 -13.18 -8.68
C TYR A 312 21.21 -14.43 -7.80
N THR A 313 22.08 -14.31 -6.77
CA THR A 313 22.25 -15.35 -5.79
C THR A 313 22.49 -14.70 -4.45
N GLY A 314 22.05 -15.43 -3.43
CA GLY A 314 22.46 -15.14 -2.06
C GLY A 314 23.38 -16.28 -1.59
N MET A 315 24.58 -15.92 -1.10
CA MET A 315 25.60 -16.91 -0.78
C MET A 315 25.33 -17.50 0.58
N ARG A 316 24.65 -18.65 0.63
CA ARG A 316 24.30 -19.24 1.91
C ARG A 316 24.22 -20.75 1.76
N THR A 317 24.39 -21.47 2.88
CA THR A 317 24.19 -22.90 2.96
C THR A 317 23.26 -23.21 4.12
N ILE A 318 22.55 -24.32 3.97
CA ILE A 318 21.79 -24.90 5.06
C ILE A 318 22.10 -26.40 5.09
N ALA A 319 22.32 -26.93 6.29
CA ALA A 319 22.61 -28.33 6.49
C ALA A 319 22.30 -28.67 7.93
N LEU A 320 22.46 -29.94 8.29
CA LEU A 320 22.45 -30.34 9.70
C LEU A 320 23.89 -30.45 10.20
N ALA A 321 24.06 -30.20 11.48
CA ALA A 321 25.30 -30.46 12.16
C ALA A 321 25.02 -30.66 13.64
N SER A 322 25.97 -31.36 14.27
CA SER A 322 25.90 -31.57 15.69
C SER A 322 26.58 -30.39 16.40
N VAL A 323 25.76 -29.64 17.15
CA VAL A 323 26.19 -28.43 17.83
C VAL A 323 25.83 -28.53 19.31
N GLY A 324 26.84 -28.46 20.18
CA GLY A 324 26.58 -28.48 21.61
C GLY A 324 25.81 -29.73 22.01
N GLY A 325 26.03 -30.84 21.32
CA GLY A 325 25.40 -32.10 21.70
C GLY A 325 24.05 -32.36 21.02
N HIS A 326 23.60 -31.48 20.11
CA HIS A 326 22.31 -31.68 19.48
C HIS A 326 22.41 -31.50 17.98
N GLN A 327 21.67 -32.29 17.21
CA GLN A 327 21.55 -32.05 15.77
C GLN A 327 20.83 -30.71 15.61
N ARG A 328 21.38 -29.82 14.80
CA ARG A 328 20.78 -28.51 14.61
C ARG A 328 20.87 -28.14 13.14
N PRO A 329 19.89 -27.39 12.59
CA PRO A 329 20.04 -26.83 11.25
C PRO A 329 21.00 -25.66 11.33
N VAL A 330 22.04 -25.70 10.51
CA VAL A 330 23.04 -24.65 10.52
C VAL A 330 22.97 -23.89 9.22
N LEU A 331 22.94 -22.57 9.37
CA LEU A 331 22.95 -21.62 8.27
C LEU A 331 24.38 -21.12 8.16
N ASN A 332 24.99 -21.29 6.99
CA ASN A 332 26.36 -20.84 6.82
C ASN A 332 27.23 -21.40 7.96
N GLY A 333 26.99 -22.64 8.33
CA GLY A 333 27.83 -23.36 9.28
C GLY A 333 27.52 -23.06 10.74
N LYS A 334 26.56 -22.19 11.04
CA LYS A 334 26.26 -21.81 12.40
C LYS A 334 24.77 -22.01 12.67
N PHE A 335 24.48 -22.53 13.87
CA PHE A 335 23.09 -22.64 14.27
C PHE A 335 22.51 -21.25 14.51
N VAL A 336 21.31 -21.01 13.95
CA VAL A 336 20.43 -19.95 14.39
C VAL A 336 19.03 -20.56 14.51
N PHE A 337 18.31 -20.17 15.54
CA PHE A 337 16.94 -20.61 15.68
C PHE A 337 16.07 -19.93 14.60
N GLN A 338 15.20 -20.74 13.98
CA GLN A 338 14.30 -20.26 12.95
C GLN A 338 12.94 -20.04 13.58
N THR A 339 12.65 -18.77 13.90
CA THR A 339 11.35 -18.41 14.48
C THR A 339 10.51 -17.79 13.36
N GLY A 340 9.49 -18.56 12.98
CA GLY A 340 8.64 -18.23 11.84
C GLY A 340 7.14 -18.21 12.15
N THR A 341 6.36 -17.89 11.11
CA THR A 341 4.91 -18.03 11.16
C THR A 341 4.49 -19.01 10.08
N LEU A 342 3.31 -19.56 10.27
CA LEU A 342 2.54 -20.20 9.23
C LEU A 342 1.87 -19.12 8.39
N ASP A 343 2.09 -19.20 7.07
CA ASP A 343 1.54 -18.23 6.16
C ASP A 343 0.79 -19.00 5.06
N GLN A 344 -0.53 -18.82 4.98
CA GLN A 344 -1.37 -19.58 4.08
C GLN A 344 -1.57 -18.90 2.73
N GLY A 345 -1.16 -17.64 2.56
CA GLY A 345 -1.23 -17.01 1.25
C GLY A 345 -2.64 -16.72 0.76
N TYR A 346 -3.58 -16.46 1.68
CA TYR A 346 -4.98 -16.24 1.32
C TYR A 346 -5.30 -14.77 1.44
N TRP A 347 -6.17 -14.29 0.55
CA TRP A 347 -6.58 -12.89 0.49
C TRP A 347 -8.10 -12.85 0.39
N PRO A 348 -8.78 -11.98 1.16
CA PRO A 348 -10.23 -11.90 1.07
C PRO A 348 -10.78 -11.36 -0.25
N ASP A 349 -9.98 -10.48 -0.91
CA ASP A 349 -10.29 -9.85 -2.19
C ASP A 349 -9.84 -10.70 -3.38
N GLY A 350 -8.64 -11.27 -3.29
CA GLY A 350 -8.02 -11.96 -4.41
C GLY A 350 -8.02 -13.48 -4.28
N ILE A 351 -8.37 -14.02 -3.10
CA ILE A 351 -8.40 -15.45 -2.81
C ILE A 351 -6.95 -15.98 -2.85
N TYR A 352 -6.46 -16.45 -4.01
CA TYR A 352 -5.09 -16.97 -4.12
C TYR A 352 -4.06 -15.94 -4.59
N THR A 353 -4.53 -14.79 -5.06
CA THR A 353 -3.70 -13.78 -5.72
C THR A 353 -3.73 -12.46 -4.95
N ALA A 354 -2.56 -12.05 -4.47
CA ALA A 354 -2.46 -10.77 -3.79
C ALA A 354 -2.76 -9.64 -4.77
N PRO A 355 -3.51 -8.62 -4.33
CA PRO A 355 -4.06 -7.64 -5.26
C PRO A 355 -2.99 -6.85 -6.01
N THR A 356 -1.85 -6.57 -5.35
CA THR A 356 -0.74 -5.82 -5.92
C THR A 356 0.57 -6.41 -5.40
N ASP A 357 1.68 -6.04 -6.05
CA ASP A 357 2.98 -6.45 -5.54
C ASP A 357 3.25 -5.95 -4.12
N ALA A 358 2.75 -4.75 -3.79
CA ALA A 358 2.90 -4.18 -2.45
C ALA A 358 2.18 -5.05 -1.42
N ALA A 359 1.01 -5.56 -1.81
CA ALA A 359 0.24 -6.47 -0.99
C ALA A 359 0.97 -7.79 -0.78
N LEU A 360 1.52 -8.35 -1.86
CA LEU A 360 2.21 -9.62 -1.83
C LEU A 360 3.37 -9.56 -0.82
N ARG A 361 4.16 -8.50 -0.91
CA ARG A 361 5.35 -8.43 -0.06
C ARG A 361 5.02 -7.94 1.34
N HIS A 362 3.86 -7.25 1.52
CA HIS A 362 3.46 -6.75 2.81
C HIS A 362 3.53 -7.84 3.90
N ASP A 363 2.97 -9.00 3.63
CA ASP A 363 2.93 -10.06 4.63
C ASP A 363 4.35 -10.45 5.07
N LEU A 364 5.29 -10.45 4.12
CA LEU A 364 6.68 -10.75 4.46
C LEU A 364 7.36 -9.59 5.22
N GLN A 365 7.11 -8.35 4.79
CA GLN A 365 7.59 -7.19 5.53
C GLN A 365 7.14 -7.29 6.99
N LYS A 366 5.89 -7.74 7.22
CA LYS A 366 5.37 -7.80 8.57
C LYS A 366 6.12 -8.86 9.38
N HIS A 367 6.52 -9.97 8.75
CA HIS A 367 7.37 -10.94 9.42
C HIS A 367 8.63 -10.26 9.97
N LYS A 368 9.29 -9.47 9.13
CA LYS A 368 10.49 -8.72 9.50
C LYS A 368 10.24 -7.72 10.62
N ASP A 369 9.17 -6.93 10.47
CA ASP A 369 8.77 -5.97 11.49
C ASP A 369 8.59 -6.65 12.85
N LEU A 370 8.05 -7.88 12.86
CA LEU A 370 7.77 -8.60 14.10
C LEU A 370 8.93 -9.47 14.54
N GLY A 371 10.09 -9.38 13.89
CA GLY A 371 11.30 -10.06 14.33
C GLY A 371 11.39 -11.52 13.93
N PHE A 372 10.43 -12.06 13.14
CA PHE A 372 10.55 -13.40 12.62
C PHE A 372 11.70 -13.42 11.60
N ASN A 373 12.35 -14.58 11.49
CA ASN A 373 13.39 -14.79 10.50
C ASN A 373 13.06 -15.94 9.55
N MET A 374 11.82 -16.45 9.62
CA MET A 374 11.43 -17.60 8.82
C MET A 374 9.94 -17.53 8.51
N VAL A 375 9.55 -18.17 7.39
CA VAL A 375 8.14 -18.33 7.07
C VAL A 375 7.93 -19.73 6.55
N ARG A 376 6.85 -20.38 7.04
CA ARG A 376 6.42 -21.64 6.43
C ARG A 376 5.22 -21.37 5.53
N LYS A 377 5.40 -21.48 4.21
CA LYS A 377 4.31 -21.24 3.28
C LYS A 377 3.47 -22.52 3.23
N HIS A 378 2.22 -22.42 3.65
CA HIS A 378 1.39 -23.57 3.98
C HIS A 378 0.55 -24.10 2.80
N ILE A 379 0.87 -25.34 2.42
CA ILE A 379 0.23 -26.09 1.35
C ILE A 379 -0.24 -25.18 0.21
N LYS A 380 0.68 -24.30 -0.21
CA LYS A 380 0.46 -23.41 -1.34
C LYS A 380 1.83 -23.02 -1.88
N VAL A 381 2.03 -22.97 -3.21
CA VAL A 381 3.25 -22.42 -3.77
C VAL A 381 2.91 -21.07 -4.38
N GLU A 382 3.55 -20.01 -3.90
CA GLU A 382 3.27 -18.68 -4.39
C GLU A 382 4.00 -18.46 -5.72
N PRO A 383 3.68 -17.37 -6.44
CA PRO A 383 4.42 -16.98 -7.62
C PRO A 383 5.88 -16.67 -7.33
N GLN A 384 6.67 -16.66 -8.42
CA GLN A 384 8.10 -16.43 -8.30
C GLN A 384 8.40 -15.11 -7.59
N ARG A 385 7.58 -14.07 -7.79
CA ARG A 385 7.84 -12.79 -7.13
C ARG A 385 7.84 -12.89 -5.61
N TRP A 386 7.06 -13.81 -5.06
CA TRP A 386 7.06 -14.04 -3.63
C TRP A 386 8.42 -14.53 -3.14
N PHE A 387 9.00 -15.50 -3.85
CA PHE A 387 10.33 -16.01 -3.50
C PHE A 387 11.37 -14.89 -3.60
N TYR A 388 11.24 -14.06 -4.64
CA TYR A 388 12.09 -12.89 -4.79
C TYR A 388 11.98 -11.97 -3.58
N TRP A 389 10.77 -11.77 -3.08
CA TRP A 389 10.64 -10.91 -1.91
C TRP A 389 11.27 -11.51 -0.66
N ALA A 390 11.09 -12.81 -0.43
CA ALA A 390 11.76 -13.44 0.72
C ALA A 390 13.30 -13.38 0.59
N ASP A 391 13.77 -13.57 -0.65
CA ASP A 391 15.18 -13.47 -0.99
C ASP A 391 15.73 -12.09 -0.62
N ARG A 392 14.98 -11.04 -1.00
CA ARG A 392 15.42 -9.68 -0.74
C ARG A 392 15.24 -9.25 0.72
N LEU A 393 14.14 -9.66 1.35
CA LEU A 393 13.83 -9.18 2.70
C LEU A 393 14.62 -9.93 3.75
N GLY A 394 15.10 -11.14 3.44
CA GLY A 394 15.80 -11.94 4.41
C GLY A 394 14.86 -12.69 5.33
N LEU A 395 14.18 -13.64 4.74
CA LEU A 395 13.42 -14.61 5.51
C LEU A 395 13.84 -15.98 5.03
N LEU A 396 14.09 -16.92 5.95
CA LEU A 396 14.18 -18.33 5.61
C LEU A 396 12.80 -18.84 5.22
N VAL A 397 12.74 -19.67 4.18
CA VAL A 397 11.49 -20.16 3.67
C VAL A 397 11.47 -21.68 3.82
N TRP A 398 10.37 -22.17 4.42
CA TRP A 398 9.97 -23.55 4.34
C TRP A 398 8.80 -23.63 3.37
N GLN A 399 8.94 -24.52 2.39
CA GLN A 399 7.93 -24.68 1.35
C GLN A 399 7.20 -26.01 1.48
N ASP A 400 5.91 -25.97 1.85
CA ASP A 400 5.09 -27.17 1.75
C ASP A 400 4.73 -27.53 0.30
N MET A 401 4.77 -28.82 -0.02
CA MET A 401 4.13 -29.31 -1.22
C MET A 401 2.64 -29.40 -0.90
N PRO A 402 1.75 -28.74 -1.68
CA PRO A 402 0.30 -28.83 -1.42
C PRO A 402 -0.19 -30.26 -1.44
N ASN A 403 -1.01 -30.60 -0.45
CA ASN A 403 -1.49 -31.96 -0.30
C ASN A 403 -2.66 -32.26 -1.22
N MET A 404 -2.85 -33.57 -1.44
CA MET A 404 -4.09 -34.12 -1.96
C MET A 404 -5.09 -34.34 -0.81
N GLU A 405 -6.36 -34.45 -1.18
CA GLU A 405 -7.42 -34.48 -0.20
C GLU A 405 -7.60 -35.87 0.37
N ARG A 406 -7.15 -36.91 -0.32
CA ARG A 406 -7.26 -38.27 0.15
C ARG A 406 -6.11 -39.12 -0.44
N THR A 407 -5.99 -40.36 0.06
CA THR A 407 -4.97 -41.30 -0.36
C THR A 407 -4.95 -41.40 -1.88
N PRO A 408 -3.81 -41.14 -2.53
CA PRO A 408 -3.73 -41.28 -3.99
C PRO A 408 -3.69 -42.69 -4.56
N ASP A 409 -4.34 -42.88 -5.71
CA ASP A 409 -4.16 -44.07 -6.53
C ASP A 409 -2.92 -43.86 -7.40
N ALA A 410 -2.59 -44.84 -8.23
CA ALA A 410 -1.31 -44.86 -8.96
C ALA A 410 -1.16 -43.62 -9.87
N ALA A 411 -2.20 -43.28 -10.63
CA ALA A 411 -2.15 -42.10 -11.50
C ALA A 411 -2.02 -40.80 -10.69
N ALA A 412 -2.69 -40.75 -9.53
CA ALA A 412 -2.66 -39.56 -8.69
C ALA A 412 -1.26 -39.40 -8.11
N ARG A 413 -0.61 -40.50 -7.78
CA ARG A 413 0.75 -40.43 -7.25
C ARG A 413 1.69 -39.94 -8.35
N THR A 414 1.59 -40.51 -9.55
CA THR A 414 2.47 -40.10 -10.65
C THR A 414 2.32 -38.60 -10.87
N GLN A 415 1.07 -38.14 -10.93
CA GLN A 415 0.79 -36.73 -11.17
C GLN A 415 1.29 -35.83 -10.05
N TRP A 416 1.04 -36.20 -8.78
CA TRP A 416 1.48 -35.38 -7.67
C TRP A 416 3.00 -35.26 -7.63
N GLU A 417 3.69 -36.40 -7.84
CA GLU A 417 5.15 -36.43 -7.87
C GLU A 417 5.73 -35.59 -9.01
N ALA A 418 5.10 -35.65 -10.19
CA ALA A 418 5.45 -34.84 -11.33
C ALA A 418 5.34 -33.35 -10.99
N GLU A 419 4.21 -32.94 -10.37
CA GLU A 419 4.05 -31.57 -9.93
C GLU A 419 5.18 -31.17 -8.97
N TYR A 420 5.42 -32.00 -7.97
CA TYR A 420 6.42 -31.70 -6.97
C TYR A 420 7.80 -31.54 -7.62
N ASP A 421 8.17 -32.45 -8.53
CA ASP A 421 9.45 -32.38 -9.23
C ASP A 421 9.58 -31.01 -9.89
N ARG A 422 8.49 -30.58 -10.55
CA ARG A 422 8.52 -29.32 -11.29
C ARG A 422 8.67 -28.13 -10.32
N ILE A 423 7.98 -28.21 -9.18
CA ILE A 423 8.08 -27.16 -8.16
C ILE A 423 9.49 -27.10 -7.62
N ILE A 424 10.12 -28.24 -7.39
CA ILE A 424 11.50 -28.25 -6.91
C ILE A 424 12.41 -27.62 -7.96
N ASP A 425 12.25 -28.05 -9.22
CA ASP A 425 13.12 -27.61 -10.30
C ASP A 425 12.98 -26.10 -10.56
N GLN A 426 11.81 -25.54 -10.24
CA GLN A 426 11.58 -24.13 -10.47
C GLN A 426 12.13 -23.20 -9.39
N HIS A 427 12.66 -23.73 -8.27
CA HIS A 427 13.08 -22.92 -7.14
C HIS A 427 14.52 -23.21 -6.69
N ARG A 428 15.34 -23.85 -7.52
CA ARG A 428 16.65 -24.28 -7.06
C ARG A 428 17.55 -23.12 -6.63
N SER A 429 17.40 -21.94 -7.25
CA SER A 429 18.32 -20.83 -7.01
C SER A 429 17.93 -19.87 -5.86
N SER A 430 16.75 -20.04 -5.27
CA SER A 430 16.26 -19.11 -4.25
C SER A 430 17.10 -19.20 -2.98
N PRO A 431 17.77 -18.13 -2.51
CA PRO A 431 18.47 -18.25 -1.24
C PRO A 431 17.53 -18.41 -0.06
N SER A 432 16.36 -17.77 -0.13
CA SER A 432 15.44 -17.82 1.01
C SER A 432 15.03 -19.28 1.27
N LEU A 433 14.70 -20.01 0.20
CA LEU A 433 14.19 -21.36 0.35
C LEU A 433 15.28 -22.26 0.94
N VAL A 434 15.01 -22.86 2.10
CA VAL A 434 15.99 -23.72 2.77
C VAL A 434 15.42 -25.10 3.17
N LEU A 435 14.10 -25.29 3.08
CA LEU A 435 13.47 -26.51 3.58
C LEU A 435 12.21 -26.85 2.80
N TRP A 436 12.10 -28.14 2.44
CA TRP A 436 10.89 -28.71 1.85
C TRP A 436 10.07 -29.49 2.88
N VAL A 437 8.76 -29.23 2.94
CA VAL A 437 7.82 -29.98 3.76
C VAL A 437 6.99 -30.86 2.83
N ASN A 438 7.31 -32.17 2.80
CA ASN A 438 6.69 -33.04 1.81
C ASN A 438 5.19 -33.23 2.04
N GLN A 439 4.77 -33.44 3.29
CA GLN A 439 3.42 -33.83 3.64
C GLN A 439 3.06 -33.19 4.96
N ASN A 440 1.77 -33.06 5.22
CA ASN A 440 1.24 -32.32 6.35
C ASN A 440 0.16 -33.12 7.04
N GLU A 441 0.40 -33.44 8.33
CA GLU A 441 -0.57 -34.08 9.22
C GLU A 441 -1.23 -35.29 8.56
N GLY A 442 -0.46 -36.04 7.75
CA GLY A 442 -0.97 -37.27 7.14
C GLY A 442 -1.93 -37.08 5.96
N TRP A 443 -2.10 -35.86 5.46
CA TRP A 443 -3.16 -35.56 4.51
C TRP A 443 -2.80 -36.13 3.16
N GLY A 444 -3.56 -37.12 2.72
CA GLY A 444 -3.27 -37.80 1.46
C GLY A 444 -1.97 -38.57 1.53
N GLN A 445 -1.55 -38.99 2.74
CA GLN A 445 -0.18 -39.44 2.92
C GLN A 445 0.10 -40.78 2.24
N TYR A 446 1.35 -40.94 1.77
CA TYR A 446 1.87 -42.23 1.33
C TYR A 446 3.38 -42.13 1.24
N ASP A 447 4.06 -43.29 1.14
CA ASP A 447 5.49 -43.35 0.86
C ASP A 447 6.30 -42.28 1.62
N GLN A 448 6.13 -42.18 2.94
CA GLN A 448 6.70 -41.09 3.72
C GLN A 448 8.22 -41.09 3.65
N ALA A 449 8.80 -42.28 3.88
CA ALA A 449 10.26 -42.42 3.91
C ALA A 449 10.85 -42.30 2.50
N ARG A 450 10.24 -42.99 1.53
CA ARG A 450 10.72 -42.94 0.17
C ARG A 450 10.72 -41.47 -0.34
N LEU A 451 9.65 -40.70 -0.11
CA LEU A 451 9.57 -39.34 -0.64
C LEU A 451 10.60 -38.41 0.03
N ALA A 452 10.87 -38.61 1.31
CA ALA A 452 11.93 -37.87 1.97
C ALA A 452 13.26 -38.11 1.26
N ASP A 453 13.61 -39.37 0.99
CA ASP A 453 14.87 -39.66 0.33
C ASP A 453 14.89 -39.13 -1.09
N LYS A 454 13.74 -39.24 -1.78
CA LYS A 454 13.64 -38.78 -3.16
C LYS A 454 13.90 -37.29 -3.24
N VAL A 455 13.21 -36.50 -2.39
CA VAL A 455 13.35 -35.06 -2.42
C VAL A 455 14.75 -34.65 -2.01
N LYS A 456 15.30 -35.26 -0.98
CA LYS A 456 16.64 -34.90 -0.55
C LYS A 456 17.67 -35.15 -1.67
N ALA A 457 17.54 -36.29 -2.34
CA ALA A 457 18.46 -36.64 -3.41
C ALA A 457 18.27 -35.69 -4.59
N TYR A 458 17.06 -35.19 -4.76
CA TYR A 458 16.78 -34.31 -5.89
C TYR A 458 17.28 -32.89 -5.59
N ASP A 459 17.29 -32.49 -4.31
CA ASP A 459 17.71 -31.15 -3.93
C ASP A 459 18.51 -31.23 -2.62
N PRO A 460 19.73 -31.81 -2.62
CA PRO A 460 20.40 -32.11 -1.34
C PRO A 460 20.87 -30.89 -0.55
N THR A 461 20.92 -29.70 -1.19
CA THR A 461 21.39 -28.47 -0.55
C THR A 461 20.27 -27.77 0.22
N ARG A 462 19.08 -28.38 0.24
CA ARG A 462 17.99 -27.95 1.10
C ARG A 462 17.72 -29.05 2.14
N LEU A 463 17.08 -28.64 3.25
CA LEU A 463 16.58 -29.58 4.25
C LEU A 463 15.29 -30.17 3.76
N VAL A 464 14.98 -31.39 4.25
CA VAL A 464 13.74 -32.08 3.94
C VAL A 464 13.06 -32.54 5.21
N ASP A 465 11.75 -32.30 5.24
CA ASP A 465 10.85 -32.67 6.32
C ASP A 465 9.88 -33.69 5.73
N ASN A 466 9.95 -34.92 6.19
CA ASN A 466 9.17 -36.00 5.61
C ASN A 466 7.67 -35.84 5.86
N MET A 467 7.36 -35.34 7.05
CA MET A 467 5.98 -35.24 7.49
C MET A 467 5.88 -34.20 8.59
N SER A 468 4.98 -33.23 8.43
CA SER A 468 4.82 -32.17 9.41
C SER A 468 3.71 -32.58 10.37
N GLY A 469 4.04 -32.72 11.67
CA GLY A 469 3.11 -33.11 12.73
C GLY A 469 3.06 -34.62 13.01
N VAL A 470 4.23 -35.25 13.15
CA VAL A 470 4.33 -36.70 13.33
C VAL A 470 3.83 -37.09 14.73
N ASN A 471 3.61 -36.09 15.60
CA ASN A 471 3.11 -36.34 16.94
C ASN A 471 1.59 -36.45 16.96
N CYS A 472 0.94 -36.24 15.82
CA CYS A 472 -0.50 -36.07 15.88
C CYS A 472 -1.16 -36.60 14.61
N CYS A 473 -2.72 -36.77 14.70
CA CYS A 473 -3.47 -36.61 13.44
C CYS A 473 -3.42 -37.88 12.61
N GLY A 474 -2.84 -38.98 13.15
CA GLY A 474 -2.65 -40.18 12.36
C GLY A 474 -1.53 -40.02 11.32
N ALA A 475 -0.69 -39.01 11.49
CA ALA A 475 0.39 -38.77 10.55
C ALA A 475 1.46 -39.84 10.79
N VAL A 476 1.91 -40.51 9.72
CA VAL A 476 2.99 -41.49 9.82
C VAL A 476 4.33 -40.82 9.54
N ASP A 477 5.27 -41.03 10.48
CA ASP A 477 6.65 -40.59 10.34
C ASP A 477 7.41 -41.62 9.52
N GLY A 478 8.03 -41.20 8.41
CA GLY A 478 8.93 -42.07 7.65
C GLY A 478 10.18 -42.44 8.44
N GLY A 479 10.56 -41.58 9.39
CA GLY A 479 11.68 -41.78 10.29
C GLY A 479 12.96 -41.13 9.78
N ASN A 480 12.93 -40.63 8.54
CA ASN A 480 14.09 -40.08 7.88
C ASN A 480 13.85 -38.60 7.59
N GLY A 481 14.56 -38.08 6.59
CA GLY A 481 14.61 -36.64 6.41
C GLY A 481 15.43 -35.98 7.50
N ASP A 482 15.42 -34.64 7.53
CA ASP A 482 16.35 -33.92 8.37
C ASP A 482 15.74 -33.44 9.67
N VAL A 483 14.41 -33.46 9.80
CA VAL A 483 13.76 -32.91 10.99
C VAL A 483 12.65 -33.83 11.52
N VAL A 484 12.49 -33.76 12.85
CA VAL A 484 11.33 -34.34 13.50
C VAL A 484 10.43 -33.15 13.84
N ASP A 485 9.23 -33.14 13.25
CA ASP A 485 8.39 -31.96 13.17
C ASP A 485 7.06 -32.26 13.89
N HIS A 486 6.85 -31.62 15.04
CA HIS A 486 5.63 -31.74 15.81
C HIS A 486 4.78 -30.49 15.61
N HIS A 487 3.46 -30.70 15.67
CA HIS A 487 2.47 -29.66 15.77
C HIS A 487 1.85 -29.75 17.16
N VAL A 488 2.04 -28.67 17.93
CA VAL A 488 1.63 -28.66 19.32
C VAL A 488 0.89 -27.36 19.60
N TYR A 489 -0.39 -27.49 19.95
CA TYR A 489 -1.24 -26.38 20.29
C TYR A 489 -1.76 -26.50 21.71
N VAL A 490 -1.73 -25.40 22.46
CA VAL A 490 -1.13 -24.13 22.04
C VAL A 490 0.40 -24.25 21.98
N GLY A 491 1.01 -25.14 22.79
CA GLY A 491 2.45 -25.32 22.73
C GLY A 491 3.21 -24.60 23.84
N PRO A 492 4.56 -24.62 23.80
CA PRO A 492 5.32 -25.20 22.68
C PRO A 492 5.63 -26.70 22.66
N GLY A 493 5.25 -27.43 23.70
CA GLY A 493 5.48 -28.87 23.73
C GLY A 493 6.91 -29.21 24.14
N THR A 494 7.33 -30.43 23.85
CA THR A 494 8.55 -30.99 24.42
C THR A 494 9.31 -31.81 23.39
N THR A 495 9.22 -31.39 22.13
CA THR A 495 9.99 -32.01 21.04
C THR A 495 11.49 -31.91 21.31
N VAL A 496 12.19 -33.02 21.06
CA VAL A 496 13.63 -33.12 21.24
C VAL A 496 14.20 -33.76 19.99
N PRO A 497 15.44 -33.38 19.62
CA PRO A 497 16.07 -33.95 18.44
C PRO A 497 16.48 -35.39 18.68
N SER A 498 16.72 -36.11 17.57
CA SER A 498 17.28 -37.44 17.60
C SER A 498 18.77 -37.36 17.26
N ALA A 499 19.43 -38.52 17.23
CA ALA A 499 20.82 -38.55 16.80
C ALA A 499 20.93 -38.13 15.33
N THR A 500 19.85 -38.25 14.53
CA THR A 500 19.97 -38.02 13.10
C THR A 500 19.18 -36.80 12.64
N ARG A 501 18.26 -36.27 13.46
CA ARG A 501 17.30 -35.27 13.00
C ARG A 501 17.15 -34.15 14.02
N ALA A 502 17.12 -32.90 13.52
CA ALA A 502 16.85 -31.73 14.34
C ALA A 502 15.37 -31.70 14.68
N ALA A 503 15.05 -31.04 15.79
CA ALA A 503 13.69 -30.96 16.28
C ALA A 503 13.13 -29.61 15.88
N VAL A 504 11.91 -29.64 15.34
CA VAL A 504 11.24 -28.41 14.96
C VAL A 504 9.77 -28.52 15.40
N LEU A 505 9.21 -27.35 15.67
CA LEU A 505 7.79 -27.18 15.99
C LEU A 505 7.14 -26.58 14.73
N GLY A 506 6.66 -27.46 13.86
CA GLY A 506 6.16 -27.08 12.53
C GLY A 506 4.82 -26.36 12.59
N GLU A 507 4.18 -26.37 13.77
CA GLU A 507 3.04 -25.50 14.03
C GLU A 507 2.86 -25.43 15.55
N PHE A 508 2.46 -24.25 16.04
CA PHE A 508 2.08 -24.05 17.43
C PHE A 508 1.31 -22.73 17.51
N GLY A 509 0.77 -22.42 18.70
CA GLY A 509 0.19 -21.11 18.93
C GLY A 509 -1.30 -21.06 18.64
N GLY A 510 -1.69 -20.36 17.55
CA GLY A 510 -3.07 -20.42 17.11
C GLY A 510 -4.03 -19.59 17.98
N LEU A 511 -3.51 -18.51 18.60
CA LEU A 511 -4.25 -17.68 19.53
C LEU A 511 -5.24 -16.82 18.75
N GLY A 512 -6.52 -16.89 19.15
CA GLY A 512 -7.58 -16.21 18.42
C GLY A 512 -8.00 -14.89 19.04
N PHE A 513 -8.39 -13.95 18.17
CA PHE A 513 -9.03 -12.73 18.62
C PHE A 513 -9.82 -12.13 17.47
N LYS A 514 -11.13 -11.98 17.67
CA LYS A 514 -12.00 -11.35 16.70
C LYS A 514 -11.92 -9.82 16.83
N VAL A 515 -11.40 -9.18 15.79
CA VAL A 515 -11.32 -7.75 15.73
C VAL A 515 -12.58 -7.19 15.06
N ALA A 516 -13.39 -6.45 15.83
CA ALA A 516 -14.60 -5.85 15.31
C ALA A 516 -14.28 -4.94 14.15
N GLY A 517 -15.11 -5.06 13.09
CA GLY A 517 -14.93 -4.33 11.85
C GLY A 517 -13.99 -5.05 10.87
N HIS A 518 -13.32 -6.11 11.33
CA HIS A 518 -12.27 -6.75 10.54
C HIS A 518 -12.42 -8.26 10.65
N GLU A 519 -13.68 -8.70 10.61
CA GLU A 519 -14.02 -10.10 10.62
C GLU A 519 -14.60 -10.45 9.24
N TRP A 520 -14.07 -11.51 8.64
CA TRP A 520 -14.56 -12.02 7.37
C TRP A 520 -16.04 -12.37 7.46
N TYR A 521 -16.43 -12.98 8.59
CA TYR A 521 -17.85 -13.22 8.88
C TYR A 521 -18.06 -12.89 10.36
N PRO A 522 -18.75 -11.79 10.68
CA PRO A 522 -18.86 -11.34 12.07
C PRO A 522 -19.37 -12.45 12.97
N GLY A 523 -18.60 -12.77 14.02
CA GLY A 523 -19.00 -13.78 15.00
C GLY A 523 -18.61 -15.19 14.59
N GLY A 524 -18.03 -15.34 13.39
CA GLY A 524 -17.73 -16.63 12.82
C GLY A 524 -16.42 -17.21 13.34
N GLY A 525 -15.63 -16.39 14.01
CA GLY A 525 -14.24 -16.75 14.26
C GLY A 525 -14.01 -17.87 15.27
N PHE A 526 -13.00 -18.69 15.00
CA PHE A 526 -12.56 -19.74 15.90
C PHE A 526 -11.03 -19.74 15.94
N SER A 527 -10.48 -20.38 16.96
CA SER A 527 -9.04 -20.51 17.12
C SER A 527 -8.70 -21.66 18.05
N TYR A 528 -7.42 -21.82 18.33
CA TYR A 528 -7.04 -22.86 19.27
C TYR A 528 -7.13 -22.37 20.71
N GLU A 529 -7.24 -21.08 20.94
CA GLU A 529 -7.47 -20.54 22.27
C GLU A 529 -7.89 -19.08 22.10
N ASP A 530 -9.17 -18.80 22.36
CA ASP A 530 -9.70 -17.45 22.19
C ASP A 530 -9.21 -16.55 23.29
N GLN A 531 -8.75 -15.34 22.90
CA GLN A 531 -8.25 -14.37 23.85
C GLN A 531 -9.34 -13.33 24.09
N PRO A 532 -9.63 -12.91 25.35
CA PRO A 532 -10.71 -11.94 25.53
C PRO A 532 -10.39 -10.52 25.12
N ASP A 533 -9.10 -10.17 25.00
CA ASP A 533 -8.68 -8.84 24.56
C ASP A 533 -7.23 -8.90 24.08
N LEU A 534 -6.77 -7.75 23.57
CA LEU A 534 -5.48 -7.68 22.92
C LEU A 534 -4.35 -7.76 23.96
N ALA A 535 -4.61 -7.29 25.17
CA ALA A 535 -3.61 -7.39 26.22
C ALA A 535 -3.32 -8.87 26.48
N HIS A 536 -4.38 -9.69 26.56
CA HIS A 536 -4.23 -11.12 26.78
C HIS A 536 -3.42 -11.73 25.62
N LEU A 537 -3.80 -11.41 24.37
CA LEU A 537 -3.12 -11.99 23.21
C LEU A 537 -1.62 -11.69 23.27
N ASN A 538 -1.28 -10.44 23.58
CA ASN A 538 0.10 -10.03 23.60
C ASN A 538 0.90 -10.76 24.67
N ASN A 539 0.38 -10.79 25.89
CA ASN A 539 1.06 -11.51 26.96
C ASN A 539 1.25 -12.99 26.62
N ARG A 540 0.21 -13.62 26.09
CA ARG A 540 0.21 -15.04 25.85
C ARG A 540 1.19 -15.35 24.72
N PHE A 541 1.18 -14.53 23.67
CA PHE A 541 2.09 -14.72 22.55
C PHE A 541 3.53 -14.60 23.04
N VAL A 542 3.86 -13.54 23.80
CA VAL A 542 5.25 -13.32 24.17
C VAL A 542 5.69 -14.43 25.12
N GLY A 543 4.76 -14.94 25.94
CA GLY A 543 5.06 -16.06 26.84
C GLY A 543 5.46 -17.34 26.09
N LEU A 544 4.87 -17.59 24.90
CA LEU A 544 5.24 -18.73 24.09
C LEU A 544 6.67 -18.62 23.57
N ILE A 545 7.03 -17.45 23.03
CA ILE A 545 8.37 -17.17 22.53
C ILE A 545 9.41 -17.21 23.68
N ASP A 546 9.08 -16.67 24.84
CA ASP A 546 9.99 -16.76 25.99
C ASP A 546 10.20 -18.21 26.44
N ALA A 547 9.16 -19.05 26.38
CA ALA A 547 9.25 -20.48 26.68
C ALA A 547 10.23 -21.17 25.74
N ILE A 548 10.10 -20.87 24.45
CA ILE A 548 11.00 -21.43 23.46
C ILE A 548 12.42 -20.99 23.76
N ARG A 549 12.62 -19.69 24.02
CA ARG A 549 13.95 -19.17 24.27
C ARG A 549 14.59 -19.81 25.51
N GLU A 550 13.88 -19.80 26.62
CA GLU A 550 14.48 -20.17 27.90
C GLU A 550 14.51 -21.68 28.14
N VAL A 551 13.55 -22.44 27.61
CA VAL A 551 13.53 -23.87 27.90
C VAL A 551 13.69 -24.76 26.67
N ARG A 552 12.86 -24.58 25.62
CA ARG A 552 12.84 -25.58 24.57
C ARG A 552 14.08 -25.47 23.68
N MET A 553 14.52 -24.27 23.32
CA MET A 553 15.65 -24.16 22.41
CA MET A 553 15.66 -24.13 22.41
C MET A 553 16.92 -24.71 23.05
N PRO A 554 17.25 -24.39 24.31
CA PRO A 554 18.43 -25.01 24.92
C PRO A 554 18.36 -26.54 25.03
N ARG A 555 17.14 -27.10 25.07
CA ARG A 555 16.94 -28.54 25.12
C ARG A 555 16.86 -29.17 23.74
N GLY A 556 17.06 -28.41 22.65
CA GLY A 556 17.20 -29.02 21.34
C GLY A 556 16.20 -28.55 20.31
N LEU A 557 15.22 -27.71 20.68
CA LEU A 557 14.34 -27.19 19.64
C LEU A 557 15.09 -26.16 18.79
N SER A 558 14.93 -26.28 17.45
CA SER A 558 15.70 -25.46 16.55
C SER A 558 14.86 -24.54 15.67
N ALA A 559 13.55 -24.78 15.61
CA ALA A 559 12.68 -23.91 14.85
C ALA A 559 11.25 -24.00 15.37
N SER A 560 10.46 -22.96 15.11
CA SER A 560 9.05 -22.93 15.48
C SER A 560 8.28 -22.15 14.43
N VAL A 561 7.05 -22.59 14.18
CA VAL A 561 6.19 -21.99 13.19
C VAL A 561 4.89 -21.56 13.89
N TYR A 562 4.72 -20.27 14.08
CA TYR A 562 3.56 -19.73 14.81
C TYR A 562 2.37 -19.58 13.84
N THR A 563 1.25 -20.22 14.21
CA THR A 563 0.00 -20.13 13.46
C THR A 563 -0.74 -18.89 13.96
N GLU A 564 -0.84 -17.81 13.16
CA GLU A 564 -0.38 -17.69 11.79
C GLU A 564 -0.23 -16.19 11.48
N ILE A 565 0.28 -15.85 10.29
CA ILE A 565 0.53 -14.45 10.01
C ILE A 565 -0.78 -13.68 9.93
N THR A 566 -1.80 -14.17 9.19
CA THR A 566 -3.06 -13.42 9.10
C THR A 566 -4.22 -14.31 9.48
N ASP A 567 -5.32 -13.70 9.96
CA ASP A 567 -6.58 -14.43 9.95
C ASP A 567 -6.83 -14.94 8.54
N VAL A 568 -7.50 -16.08 8.41
CA VAL A 568 -7.97 -16.55 7.12
C VAL A 568 -9.42 -17.00 7.30
N GLU A 569 -10.32 -16.36 6.58
CA GLU A 569 -11.76 -16.59 6.70
C GLU A 569 -12.13 -16.56 8.17
N ASN A 570 -12.68 -17.64 8.74
CA ASN A 570 -13.10 -17.59 10.13
C ASN A 570 -12.02 -18.09 11.10
N GLU A 571 -10.82 -18.44 10.61
CA GLU A 571 -9.74 -18.80 11.53
C GLU A 571 -9.02 -17.53 11.93
N VAL A 572 -9.34 -17.05 13.15
CA VAL A 572 -9.00 -15.68 13.56
C VAL A 572 -7.80 -15.72 14.48
N ASN A 573 -6.74 -16.44 14.06
CA ASN A 573 -5.52 -16.53 14.85
C ASN A 573 -4.32 -15.90 14.15
N GLY A 574 -4.57 -14.97 13.23
CA GLY A 574 -3.51 -14.14 12.69
C GLY A 574 -2.95 -13.16 13.72
N LEU A 575 -1.68 -12.76 13.49
CA LEU A 575 -1.11 -11.57 14.08
C LEU A 575 -1.68 -10.32 13.40
N LEU A 576 -2.13 -10.52 12.15
CA LEU A 576 -2.79 -9.50 11.32
C LEU A 576 -4.22 -9.96 11.03
N THR A 577 -5.16 -8.99 10.90
CA THR A 577 -6.46 -9.34 10.37
C THR A 577 -6.34 -9.80 8.91
N TYR A 578 -7.38 -10.49 8.44
CA TYR A 578 -7.44 -11.06 7.09
C TYR A 578 -7.35 -9.98 6.01
N ASP A 579 -7.87 -8.79 6.29
CA ASP A 579 -7.79 -7.66 5.37
C ASP A 579 -6.48 -6.87 5.46
N ARG A 580 -5.52 -7.29 6.27
CA ARG A 580 -4.23 -6.64 6.46
C ARG A 580 -4.36 -5.24 7.09
N GLN A 581 -5.55 -4.85 7.57
CA GLN A 581 -5.73 -3.49 8.04
C GLN A 581 -5.24 -3.28 9.46
N VAL A 582 -5.25 -4.34 10.27
CA VAL A 582 -4.96 -4.21 11.70
C VAL A 582 -3.84 -5.19 12.04
N VAL A 583 -2.82 -4.66 12.73
CA VAL A 583 -1.78 -5.45 13.38
C VAL A 583 -2.24 -5.66 14.82
N LYS A 584 -2.62 -6.88 15.20
CA LYS A 584 -3.26 -7.13 16.48
C LYS A 584 -2.30 -7.07 17.67
N VAL A 585 -0.99 -7.17 17.39
CA VAL A 585 0.00 -7.33 18.45
C VAL A 585 0.87 -6.09 18.53
N ASP A 586 1.44 -5.88 19.73
CA ASP A 586 2.37 -4.79 19.94
C ASP A 586 3.68 -5.15 19.22
N GLU A 587 4.05 -4.39 18.20
CA GLU A 587 5.10 -4.83 17.28
CA GLU A 587 5.09 -4.83 17.29
C GLU A 587 6.45 -4.83 17.98
N ALA A 588 6.72 -3.77 18.75
CA ALA A 588 7.99 -3.69 19.50
C ALA A 588 8.17 -4.85 20.47
N ARG A 589 7.11 -5.24 21.17
CA ARG A 589 7.20 -6.35 22.11
C ARG A 589 7.43 -7.68 21.40
N VAL A 590 6.71 -7.93 20.29
CA VAL A 590 6.86 -9.20 19.59
C VAL A 590 8.26 -9.26 18.96
N ARG A 591 8.73 -8.18 18.34
CA ARG A 591 10.05 -8.11 17.73
C ARG A 591 11.11 -8.36 18.79
N ALA A 592 10.96 -7.75 19.97
CA ALA A 592 11.95 -7.92 21.04
C ALA A 592 12.02 -9.39 21.49
N ALA A 593 10.86 -10.05 21.61
CA ALA A 593 10.85 -11.44 22.03
C ALA A 593 11.54 -12.31 20.98
N ASN A 594 11.18 -12.11 19.69
CA ASN A 594 11.77 -12.88 18.61
C ASN A 594 13.28 -12.63 18.51
N ARG A 595 13.70 -11.37 18.63
CA ARG A 595 15.11 -11.05 18.49
C ARG A 595 15.89 -11.65 19.66
N ALA A 596 15.31 -11.64 20.86
CA ALA A 596 15.95 -12.24 22.03
C ALA A 596 16.19 -13.73 21.81
N LEU A 597 15.17 -14.43 21.27
CA LEU A 597 15.28 -15.84 20.93
C LEU A 597 16.39 -16.10 19.91
N ILE A 598 16.39 -15.35 18.81
CA ILE A 598 17.43 -15.50 17.80
C ILE A 598 18.83 -15.23 18.39
N ASP A 599 18.98 -14.11 19.10
CA ASP A 599 20.25 -13.71 19.69
C ASP A 599 20.75 -14.80 20.65
N ALA A 600 19.86 -15.29 21.51
CA ALA A 600 20.21 -16.36 22.44
C ALA A 600 20.67 -17.61 21.69
N SER A 601 20.10 -17.90 20.53
CA SER A 601 20.47 -19.13 19.85
C SER A 601 21.88 -19.02 19.28
N ARG A 602 22.27 -17.77 19.00
CA ARG A 602 23.57 -17.45 18.41
C ARG A 602 24.59 -17.26 19.55
N PRO B 23 -18.81 26.44 -27.03
CA PRO B 23 -19.39 25.19 -26.53
C PRO B 23 -20.52 25.37 -25.50
N ARG B 24 -21.67 25.81 -25.99
CA ARG B 24 -22.92 25.91 -25.23
C ARG B 24 -23.16 24.70 -24.31
N ALA B 25 -22.83 23.49 -24.78
CA ALA B 25 -22.97 22.27 -23.98
C ALA B 25 -21.61 21.79 -23.45
N TRP B 26 -21.61 21.16 -22.28
CA TRP B 26 -20.37 20.75 -21.61
C TRP B 26 -19.50 19.88 -22.52
N THR B 27 -18.25 20.29 -22.72
CA THR B 27 -17.29 19.57 -23.54
C THR B 27 -16.10 19.18 -22.66
N PRO B 28 -15.75 17.89 -22.55
CA PRO B 28 -14.60 17.49 -21.74
C PRO B 28 -13.36 17.83 -22.54
N LYS B 29 -12.26 18.08 -21.84
CA LYS B 29 -11.03 18.52 -22.46
C LYS B 29 -10.01 17.43 -22.31
N PRO B 30 -9.05 17.28 -23.26
CA PRO B 30 -8.01 16.26 -23.11
C PRO B 30 -7.03 16.66 -22.00
N SER B 31 -6.91 15.79 -21.00
CA SER B 31 -6.04 16.06 -19.87
C SER B 31 -4.59 16.07 -20.34
N PRO B 32 -3.74 16.97 -19.84
CA PRO B 32 -2.32 16.98 -20.19
C PRO B 32 -1.63 15.64 -19.91
N MET B 33 -2.17 14.91 -18.92
CA MET B 33 -1.70 13.60 -18.55
C MET B 33 -2.91 12.79 -18.08
N THR B 34 -2.84 11.47 -18.20
CA THR B 34 -3.93 10.65 -17.71
C THR B 34 -3.52 9.95 -16.42
N THR B 35 -4.28 10.20 -15.34
CA THR B 35 -4.14 9.46 -14.09
C THR B 35 -5.08 8.26 -14.15
N PRO B 36 -4.88 7.26 -13.27
CA PRO B 36 -5.76 6.09 -13.27
C PRO B 36 -7.25 6.44 -13.14
N TRP B 37 -7.58 7.67 -12.70
CA TRP B 37 -8.95 8.04 -12.34
C TRP B 37 -9.53 9.14 -13.24
N THR B 38 -8.74 9.69 -14.16
CA THR B 38 -9.20 10.80 -14.99
C THR B 38 -10.50 10.39 -15.69
N ASP B 39 -10.52 9.15 -16.19
CA ASP B 39 -11.63 8.67 -17.01
C ASP B 39 -12.71 8.08 -16.12
N GLN B 40 -12.56 8.17 -14.78
CA GLN B 40 -13.54 7.63 -13.85
C GLN B 40 -14.31 8.73 -13.16
N VAL B 41 -14.19 9.97 -13.65
CA VAL B 41 -14.90 11.08 -13.03
C VAL B 41 -16.31 11.16 -13.60
N PRO B 42 -17.35 11.00 -12.77
CA PRO B 42 -18.73 11.14 -13.23
C PRO B 42 -18.96 12.54 -13.78
N VAL B 43 -19.89 12.66 -14.74
CA VAL B 43 -20.19 13.95 -15.34
C VAL B 43 -21.14 14.73 -14.40
N ASP B 44 -22.21 14.05 -13.93
CA ASP B 44 -23.28 14.70 -13.18
C ASP B 44 -23.07 14.61 -11.67
N ASN B 45 -22.26 13.64 -11.21
CA ASN B 45 -22.18 13.43 -9.77
C ASN B 45 -20.73 13.18 -9.35
N PRO B 46 -19.77 14.04 -9.74
CA PRO B 46 -18.40 13.91 -9.24
C PRO B 46 -18.32 14.15 -7.73
N LEU B 47 -17.25 13.61 -7.15
CA LEU B 47 -16.94 13.67 -5.74
C LEU B 47 -18.21 13.54 -4.91
N PRO B 48 -18.89 12.37 -4.97
CA PRO B 48 -20.16 12.15 -4.27
C PRO B 48 -20.14 11.95 -2.77
N GLU B 49 -18.95 11.66 -2.23
CA GLU B 49 -18.83 11.27 -0.84
C GLU B 49 -19.12 12.44 0.11
N TYR B 50 -19.57 12.08 1.32
CA TYR B 50 -19.89 13.04 2.36
C TYR B 50 -18.65 13.90 2.60
N PRO B 51 -18.76 15.24 2.47
CA PRO B 51 -17.57 16.10 2.52
C PRO B 51 -17.01 16.46 3.89
N ARG B 52 -17.69 16.08 4.98
CA ARG B 52 -17.35 16.52 6.33
C ARG B 52 -17.40 15.33 7.29
N PRO B 53 -16.57 14.29 7.05
CA PRO B 53 -16.71 13.03 7.80
C PRO B 53 -16.47 13.06 9.29
N GLN B 54 -15.89 14.14 9.84
CA GLN B 54 -15.71 14.26 11.29
C GLN B 54 -16.84 15.07 11.96
N LEU B 55 -17.87 15.44 11.20
CA LEU B 55 -19.05 16.08 11.80
C LEU B 55 -20.26 15.75 10.92
N THR B 56 -20.99 14.68 11.30
CA THR B 56 -21.95 14.09 10.39
C THR B 56 -23.38 14.30 10.87
N ARG B 57 -24.23 14.48 9.86
CA ARG B 57 -25.67 14.29 9.95
C ARG B 57 -26.13 13.44 8.77
N PRO B 58 -27.22 12.67 8.94
CA PRO B 58 -27.75 11.83 7.88
C PRO B 58 -28.28 12.53 6.63
N ASP B 59 -28.84 13.73 6.80
CA ASP B 59 -29.44 14.44 5.68
C ASP B 59 -28.47 15.40 5.02
N TRP B 60 -28.37 15.32 3.69
CA TRP B 60 -27.64 16.29 2.91
C TRP B 60 -27.93 16.12 1.41
N ALA B 61 -27.45 17.03 0.57
CA ALA B 61 -27.47 16.84 -0.87
C ALA B 61 -26.25 17.49 -1.49
N ASN B 62 -25.75 16.85 -2.56
CA ASN B 62 -24.51 17.23 -3.20
C ASN B 62 -24.85 18.01 -4.46
N LEU B 63 -24.33 19.23 -4.60
CA LEU B 63 -24.63 20.07 -5.74
C LEU B 63 -23.54 20.02 -6.78
N ASN B 64 -22.57 19.11 -6.61
CA ASN B 64 -21.56 18.92 -7.65
C ASN B 64 -22.26 18.53 -8.95
N GLY B 65 -21.62 18.85 -10.07
CA GLY B 65 -22.06 18.38 -11.37
C GLY B 65 -21.88 19.45 -12.44
N ILE B 66 -22.80 19.50 -13.41
CA ILE B 66 -22.63 20.43 -14.50
C ILE B 66 -23.42 21.69 -14.16
N TRP B 67 -22.71 22.84 -14.17
CA TRP B 67 -23.31 24.15 -13.97
C TRP B 67 -23.12 24.97 -15.24
N ASP B 68 -24.03 25.92 -15.46
CA ASP B 68 -23.82 26.96 -16.46
C ASP B 68 -22.66 27.83 -16.01
N PHE B 69 -21.94 28.41 -16.97
CA PHE B 69 -20.73 29.12 -16.68
C PHE B 69 -20.48 30.27 -17.66
N ALA B 70 -19.92 31.36 -17.11
CA ALA B 70 -19.46 32.49 -17.90
C ALA B 70 -18.22 33.10 -17.25
N VAL B 71 -17.30 33.60 -18.09
CA VAL B 71 -16.17 34.41 -17.68
C VAL B 71 -16.41 35.85 -18.14
N THR B 72 -16.52 36.79 -17.19
CA THR B 72 -16.61 38.21 -17.53
C THR B 72 -15.33 38.95 -17.11
N SER B 73 -15.34 40.27 -17.38
CA SER B 73 -14.47 41.21 -16.69
C SER B 73 -14.63 41.09 -15.18
N ALA B 74 -13.58 41.48 -14.45
CA ALA B 74 -13.52 41.36 -13.01
C ALA B 74 -14.64 42.14 -12.29
N ASN B 75 -14.95 43.36 -12.77
CA ASN B 75 -15.92 44.22 -12.11
C ASN B 75 -17.32 44.12 -12.71
N ALA B 76 -17.50 43.29 -13.75
CA ALA B 76 -18.80 43.13 -14.39
C ALA B 76 -19.82 42.57 -13.40
N GLY B 77 -21.09 42.85 -13.67
CA GLY B 77 -22.18 42.24 -12.94
C GLY B 77 -22.55 40.91 -13.58
N GLN B 78 -23.55 40.25 -13.02
CA GLN B 78 -24.03 38.98 -13.56
C GLN B 78 -24.40 39.10 -15.04
N PRO B 79 -23.78 38.31 -15.95
CA PRO B 79 -24.17 38.33 -17.36
C PRO B 79 -25.60 37.81 -17.57
N ALA B 80 -26.23 38.24 -18.67
CA ALA B 80 -27.60 37.87 -18.98
C ALA B 80 -27.67 36.40 -19.39
N THR B 81 -26.73 35.97 -20.23
CA THR B 81 -26.65 34.59 -20.69
C THR B 81 -25.28 33.98 -20.34
N PHE B 82 -25.31 32.71 -19.97
CA PHE B 82 -24.10 31.95 -19.69
C PHE B 82 -23.71 31.17 -20.95
N PRO B 83 -22.69 31.58 -21.71
CA PRO B 83 -22.35 30.85 -22.93
C PRO B 83 -21.69 29.47 -22.82
N GLU B 84 -21.44 28.99 -21.59
CA GLU B 84 -20.62 27.79 -21.42
C GLU B 84 -21.15 26.94 -20.28
N GLN B 85 -20.52 25.76 -20.09
CA GLN B 85 -20.88 24.90 -18.96
C GLN B 85 -19.60 24.38 -18.29
N ILE B 86 -19.68 24.15 -16.97
CA ILE B 86 -18.49 23.73 -16.23
C ILE B 86 -18.84 22.64 -15.24
N ARG B 87 -17.86 21.77 -14.94
CA ARG B 87 -18.07 20.68 -14.00
C ARG B 87 -17.49 21.03 -12.64
N VAL B 88 -18.39 21.23 -11.69
CA VAL B 88 -18.07 21.55 -10.32
C VAL B 88 -17.84 20.24 -9.59
N PRO B 89 -16.83 20.11 -8.69
CA PRO B 89 -15.91 21.19 -8.32
C PRO B 89 -14.48 21.22 -8.84
N PHE B 90 -14.32 21.40 -10.16
CA PHE B 90 -13.04 21.47 -10.82
C PHE B 90 -12.79 22.89 -11.31
N VAL B 91 -11.58 23.41 -11.09
CA VAL B 91 -11.31 24.80 -11.38
C VAL B 91 -11.24 25.02 -12.90
N ALA B 92 -11.44 26.28 -13.31
CA ALA B 92 -11.51 26.60 -14.73
C ALA B 92 -10.22 26.30 -15.49
N GLU B 93 -9.08 26.29 -14.78
CA GLU B 93 -7.81 25.98 -15.41
C GLU B 93 -7.71 24.48 -15.73
N SER B 94 -8.54 23.66 -15.10
CA SER B 94 -8.40 22.21 -15.21
C SER B 94 -9.10 21.65 -16.44
N ALA B 95 -8.55 20.55 -16.95
CA ALA B 95 -9.15 19.76 -18.02
C ALA B 95 -10.43 19.12 -17.50
N LEU B 96 -10.43 18.73 -16.22
CA LEU B 96 -11.61 18.05 -15.67
C LEU B 96 -12.81 18.99 -15.59
N SER B 97 -12.60 20.32 -15.53
CA SER B 97 -13.70 21.27 -15.52
C SER B 97 -14.52 21.17 -16.81
N GLY B 98 -13.82 20.97 -17.92
CA GLY B 98 -14.40 21.11 -19.26
C GLY B 98 -14.10 22.48 -19.89
N ILE B 99 -13.36 23.34 -19.17
CA ILE B 99 -13.07 24.69 -19.65
C ILE B 99 -11.60 24.77 -19.99
N GLN B 100 -10.74 24.53 -18.99
CA GLN B 100 -9.32 24.52 -19.21
C GLN B 100 -8.86 25.81 -19.89
N ARG B 101 -8.96 26.91 -19.13
CA ARG B 101 -8.56 28.22 -19.60
C ARG B 101 -7.90 29.03 -18.48
N LYS B 102 -6.83 29.76 -18.83
CA LYS B 102 -6.17 30.70 -17.93
C LYS B 102 -7.15 31.78 -17.50
N ILE B 103 -7.16 32.05 -16.18
CA ILE B 103 -8.02 33.02 -15.53
C ILE B 103 -7.11 34.06 -14.89
N THR B 104 -7.46 35.34 -15.11
CA THR B 104 -6.61 36.43 -14.65
C THR B 104 -7.36 37.16 -13.56
N GLN B 105 -6.66 38.13 -12.95
CA GLN B 105 -7.28 39.04 -11.99
C GLN B 105 -8.23 40.01 -12.68
N ASN B 106 -8.16 40.09 -14.02
CA ASN B 106 -9.08 40.92 -14.77
C ASN B 106 -10.32 40.15 -15.21
N ASP B 107 -10.41 38.89 -14.77
CA ASP B 107 -11.54 38.05 -15.08
C ASP B 107 -12.36 37.81 -13.83
N LYS B 108 -13.59 37.37 -14.03
CA LYS B 108 -14.40 36.86 -12.96
C LYS B 108 -15.20 35.68 -13.46
N LEU B 109 -15.36 34.70 -12.56
CA LEU B 109 -16.08 33.45 -12.79
C LEU B 109 -17.52 33.53 -12.31
N TRP B 110 -18.41 33.05 -13.18
CA TRP B 110 -19.83 32.99 -12.90
C TRP B 110 -20.35 31.57 -13.03
N TYR B 111 -21.02 31.12 -11.99
CA TYR B 111 -21.56 29.77 -11.94
C TYR B 111 -23.05 29.87 -11.70
N LYS B 112 -23.85 29.05 -12.40
CA LYS B 112 -25.27 28.96 -12.12
C LYS B 112 -25.80 27.55 -12.37
N ARG B 113 -26.66 27.12 -11.46
CA ARG B 113 -27.39 25.88 -11.60
C ARG B 113 -28.66 26.02 -10.77
N THR B 114 -29.62 25.11 -10.99
CA THR B 114 -30.86 25.13 -10.25
C THR B 114 -30.84 23.93 -9.30
N PHE B 115 -31.70 23.99 -8.29
CA PHE B 115 -31.87 22.85 -7.40
C PHE B 115 -33.21 22.97 -6.69
N THR B 116 -33.66 21.85 -6.11
CA THR B 116 -34.86 21.80 -5.28
C THR B 116 -34.45 21.19 -3.94
N VAL B 117 -35.21 21.49 -2.88
CA VAL B 117 -34.85 21.01 -1.56
C VAL B 117 -35.79 19.87 -1.15
N PRO B 118 -35.27 18.76 -0.57
CA PRO B 118 -36.10 17.69 -0.02
C PRO B 118 -37.26 18.10 0.90
N SER B 119 -38.45 17.60 0.58
CA SER B 119 -39.66 17.86 1.33
C SER B 119 -39.52 17.51 2.82
N ASN B 120 -38.74 16.47 3.14
CA ASN B 120 -38.55 16.06 4.53
C ASN B 120 -37.68 17.06 5.30
N TRP B 121 -37.13 18.11 4.65
CA TRP B 121 -36.34 19.12 5.38
C TRP B 121 -37.22 20.26 5.89
N ASN B 122 -38.47 20.33 5.42
CA ASN B 122 -39.40 21.36 5.88
C ASN B 122 -39.39 21.38 7.41
N GLY B 123 -39.25 22.57 8.01
CA GLY B 123 -39.26 22.67 9.46
C GLY B 123 -37.86 22.86 10.02
N ARG B 124 -36.83 22.79 9.18
CA ARG B 124 -35.46 22.98 9.64
C ARG B 124 -34.82 24.12 8.85
N ARG B 125 -33.73 24.69 9.40
CA ARG B 125 -32.95 25.64 8.63
C ARG B 125 -32.23 24.87 7.53
N VAL B 126 -31.91 25.54 6.43
CA VAL B 126 -31.14 24.92 5.37
C VAL B 126 -29.82 25.68 5.18
N GLN B 127 -28.72 24.93 5.26
CA GLN B 127 -27.37 25.45 5.11
C GLN B 127 -26.81 25.16 3.72
N LEU B 128 -26.20 26.16 3.08
CA LEU B 128 -25.43 25.96 1.88
C LEU B 128 -23.93 26.00 2.22
N ASN B 129 -23.29 24.83 2.02
CA ASN B 129 -21.90 24.55 2.36
C ASN B 129 -20.97 24.62 1.16
N PHE B 130 -19.85 25.34 1.36
CA PHE B 130 -18.75 25.39 0.42
C PHE B 130 -17.49 24.88 1.12
N GLY B 131 -16.90 23.79 0.63
CA GLY B 131 -15.64 23.30 1.18
C GLY B 131 -14.52 24.31 0.95
N ALA B 132 -14.45 24.85 -0.27
CA ALA B 132 -13.47 25.86 -0.67
C ALA B 132 -13.83 26.48 -2.02
N SER B 133 -13.53 27.78 -2.13
CA SER B 133 -13.64 28.49 -3.39
C SER B 133 -12.61 29.60 -3.38
N ASP B 134 -11.78 29.65 -4.44
CA ASP B 134 -10.63 30.55 -4.53
C ASP B 134 -10.92 31.66 -5.55
N TRP B 135 -10.90 32.95 -5.16
CA TRP B 135 -10.53 33.46 -3.84
C TRP B 135 -11.70 34.19 -3.13
N ARG B 136 -12.43 35.06 -3.87
CA ARG B 136 -13.49 35.88 -3.32
C ARG B 136 -14.84 35.49 -3.94
N THR B 137 -15.71 34.97 -3.08
CA THR B 137 -16.93 34.30 -3.48
C THR B 137 -18.16 35.08 -2.97
N THR B 138 -19.05 35.37 -3.92
CA THR B 138 -20.34 35.99 -3.61
C THR B 138 -21.42 35.03 -4.14
N VAL B 139 -22.45 34.84 -3.33
CA VAL B 139 -23.47 33.84 -3.61
C VAL B 139 -24.85 34.52 -3.68
N TRP B 140 -25.61 34.15 -4.71
CA TRP B 140 -27.00 34.58 -4.82
C TRP B 140 -27.88 33.34 -4.97
N VAL B 141 -28.83 33.22 -4.04
CA VAL B 141 -29.95 32.30 -4.12
C VAL B 141 -31.18 33.09 -4.60
N ASN B 142 -31.64 32.76 -5.81
CA ASN B 142 -32.86 33.34 -6.36
C ASN B 142 -32.67 34.86 -6.42
N GLY B 143 -31.56 35.29 -7.02
CA GLY B 143 -31.27 36.68 -7.30
C GLY B 143 -30.92 37.50 -6.06
N ARG B 144 -30.97 36.88 -4.87
CA ARG B 144 -30.71 37.58 -3.60
C ARG B 144 -29.41 37.09 -2.95
N GLN B 145 -28.63 38.01 -2.38
CA GLN B 145 -27.30 37.70 -1.84
C GLN B 145 -27.44 36.93 -0.52
N ALA B 146 -26.74 35.79 -0.42
CA ALA B 146 -26.97 34.90 0.71
C ALA B 146 -26.30 35.39 2.00
N GLY B 147 -25.29 36.26 1.90
CA GLY B 147 -24.62 36.75 3.10
C GLY B 147 -23.32 37.44 2.72
N ALA B 148 -22.50 37.73 3.74
CA ALA B 148 -21.20 38.38 3.54
C ALA B 148 -20.41 37.66 2.46
N VAL B 149 -19.77 38.43 1.57
CA VAL B 149 -18.77 37.93 0.65
C VAL B 149 -17.69 37.18 1.44
N HIS B 150 -17.27 36.01 0.90
CA HIS B 150 -16.27 35.17 1.56
C HIS B 150 -14.94 35.35 0.85
N SER B 151 -13.91 35.74 1.62
CA SER B 151 -12.58 35.89 1.10
C SER B 151 -11.67 34.85 1.73
N GLY B 152 -11.03 34.04 0.88
CA GLY B 152 -10.11 32.99 1.32
C GLY B 152 -10.34 31.72 0.50
N GLY B 153 -9.27 31.18 -0.11
CA GLY B 153 -9.44 30.03 -1.00
C GLY B 153 -9.27 28.64 -0.37
N TYR B 154 -9.07 28.53 0.95
CA TYR B 154 -8.67 27.29 1.59
C TYR B 154 -9.53 26.92 2.79
N ASP B 155 -10.48 27.78 3.20
CA ASP B 155 -11.30 27.53 4.35
C ASP B 155 -12.75 27.33 3.89
N ALA B 156 -13.43 26.37 4.53
CA ALA B 156 -14.83 26.12 4.29
C ALA B 156 -15.67 27.27 4.82
N PHE B 157 -16.83 27.48 4.20
CA PHE B 157 -17.76 28.48 4.68
C PHE B 157 -19.18 28.05 4.33
N SER B 158 -20.14 28.73 4.92
CA SER B 158 -21.53 28.31 4.91
C SER B 158 -22.44 29.55 4.90
N TYR B 159 -23.59 29.42 4.25
CA TYR B 159 -24.65 30.39 4.44
C TYR B 159 -25.96 29.69 4.76
N ASP B 160 -26.66 30.19 5.81
CA ASP B 160 -28.01 29.76 6.12
C ASP B 160 -28.97 30.47 5.17
N VAL B 161 -29.49 29.70 4.21
CA VAL B 161 -30.18 30.24 3.05
C VAL B 161 -31.68 29.96 3.18
N THR B 162 -32.15 29.60 4.37
CA THR B 162 -33.53 29.16 4.54
C THR B 162 -34.49 30.16 3.89
N ASP B 163 -34.31 31.44 4.24
CA ASP B 163 -35.30 32.48 3.97
C ASP B 163 -35.23 33.01 2.56
N LEU B 164 -34.39 32.43 1.71
CA LEU B 164 -34.30 32.80 0.30
C LEU B 164 -34.95 31.72 -0.55
N LEU B 165 -35.37 30.61 0.09
CA LEU B 165 -35.78 29.42 -0.63
C LEU B 165 -37.26 29.55 -1.00
N THR B 166 -37.61 29.06 -2.20
CA THR B 166 -38.98 28.79 -2.59
C THR B 166 -39.22 27.28 -2.55
N ALA B 167 -40.47 26.88 -2.82
CA ALA B 167 -40.83 25.47 -2.84
C ALA B 167 -40.57 24.81 -4.20
N GLY B 168 -40.14 25.55 -5.23
CA GLY B 168 -40.00 24.98 -6.56
C GLY B 168 -38.54 24.73 -6.93
N THR B 169 -38.19 24.90 -8.22
CA THR B 169 -36.78 24.94 -8.58
C THR B 169 -36.19 26.22 -7.95
N ASN B 170 -34.96 26.14 -7.45
CA ASN B 170 -34.26 27.33 -6.94
C ASN B 170 -33.07 27.61 -7.84
N THR B 171 -32.58 28.86 -7.78
CA THR B 171 -31.50 29.29 -8.65
C THR B 171 -30.30 29.64 -7.77
N LEU B 172 -29.11 29.19 -8.20
CA LEU B 172 -27.89 29.44 -7.45
C LEU B 172 -26.89 30.08 -8.41
N VAL B 173 -26.45 31.29 -8.05
CA VAL B 173 -25.45 31.99 -8.84
C VAL B 173 -24.27 32.19 -7.91
N VAL B 174 -23.06 31.93 -8.43
CA VAL B 174 -21.88 32.17 -7.63
C VAL B 174 -20.91 32.88 -8.55
N SER B 175 -20.45 34.05 -8.09
CA SER B 175 -19.31 34.70 -8.69
C SER B 175 -18.08 34.42 -7.83
N VAL B 176 -16.97 34.20 -8.53
CA VAL B 176 -15.69 33.99 -7.89
C VAL B 176 -14.64 34.80 -8.61
N TRP B 177 -14.00 35.69 -7.85
CA TRP B 177 -12.87 36.46 -8.32
C TRP B 177 -11.62 35.88 -7.67
N ASP B 178 -10.58 35.69 -8.47
CA ASP B 178 -9.29 35.20 -8.04
C ASP B 178 -8.19 35.98 -8.75
N PRO B 179 -7.44 36.85 -8.03
CA PRO B 179 -6.30 37.56 -8.60
C PRO B 179 -4.98 36.78 -8.64
N THR B 180 -5.02 35.55 -8.08
CA THR B 180 -3.81 34.75 -7.89
C THR B 180 -2.70 35.64 -7.33
N GLU B 181 -1.48 35.61 -7.90
CA GLU B 181 -0.31 36.24 -7.28
C GLU B 181 -0.31 37.76 -7.47
N THR B 182 -1.26 38.30 -8.26
CA THR B 182 -1.36 39.76 -8.36
C THR B 182 -2.03 40.33 -7.11
N GLY B 183 -2.74 39.50 -6.33
CA GLY B 183 -3.34 39.90 -5.07
C GLY B 183 -2.36 39.69 -3.91
N THR B 184 -2.77 40.09 -2.72
CA THR B 184 -1.93 40.04 -1.51
C THR B 184 -2.37 38.89 -0.60
N GLN B 185 -3.13 37.95 -1.15
CA GLN B 185 -3.76 36.87 -0.40
C GLN B 185 -2.93 35.57 -0.51
N ALA B 186 -3.25 34.62 0.38
CA ALA B 186 -2.67 33.29 0.38
C ALA B 186 -2.91 32.62 -0.97
N VAL B 187 -1.83 32.29 -1.66
CA VAL B 187 -1.87 31.68 -3.00
C VAL B 187 -1.04 30.42 -3.08
N GLY B 188 -0.04 30.22 -2.21
CA GLY B 188 0.76 29.00 -2.32
C GLY B 188 1.49 28.95 -3.67
N LYS B 189 1.38 27.81 -4.37
CA LYS B 189 2.16 27.60 -5.57
C LYS B 189 1.45 28.12 -6.82
N GLN B 190 0.23 28.62 -6.66
CA GLN B 190 -0.54 29.06 -7.81
C GLN B 190 0.07 30.30 -8.46
N ARG B 191 0.19 30.26 -9.81
CA ARG B 191 0.52 31.44 -10.59
C ARG B 191 -0.30 31.49 -11.88
N ILE B 192 -0.57 32.72 -12.37
CA ILE B 192 -1.32 32.84 -13.62
C ILE B 192 -0.45 32.32 -14.76
N ARG B 193 -0.91 31.24 -15.39
CA ARG B 193 -0.12 30.58 -16.43
C ARG B 193 -1.00 30.15 -17.60
N ASP B 194 -0.41 30.07 -18.78
CA ASP B 194 -1.02 29.33 -19.89
C ASP B 194 -1.18 27.87 -19.45
N VAL B 195 -2.39 27.32 -19.62
CA VAL B 195 -2.76 26.03 -19.05
C VAL B 195 -2.14 24.87 -19.85
N ALA B 196 -1.85 25.05 -21.15
CA ALA B 196 -1.20 23.98 -21.89
C ALA B 196 0.19 23.76 -21.31
N PRO B 197 0.63 22.49 -21.16
CA PRO B 197 2.00 22.21 -20.77
C PRO B 197 3.06 23.00 -21.53
N HIS B 198 4.08 23.46 -20.81
CA HIS B 198 5.12 24.30 -21.37
C HIS B 198 6.23 24.39 -20.35
N PRO B 199 7.52 24.49 -20.76
CA PRO B 199 8.61 24.59 -19.79
C PRO B 199 8.78 25.97 -19.17
N GLY B 200 9.68 26.04 -18.18
CA GLY B 200 10.23 27.30 -17.68
C GLY B 200 9.42 27.89 -16.52
N GLY B 201 8.48 27.10 -15.96
CA GLY B 201 7.61 27.54 -14.87
C GLY B 201 8.27 27.38 -13.49
N GLY B 202 9.33 26.57 -13.39
CA GLY B 202 10.10 26.39 -12.16
C GLY B 202 9.27 25.67 -11.10
N ILE B 203 9.39 26.11 -9.84
CA ILE B 203 8.65 25.49 -8.75
C ILE B 203 7.28 26.12 -8.52
N LEU B 204 6.74 26.87 -9.51
CA LEU B 204 5.42 27.44 -9.43
C LEU B 204 4.59 26.89 -10.59
N TYR B 205 3.30 26.76 -10.35
CA TYR B 205 2.48 25.90 -11.18
C TYR B 205 1.22 26.64 -11.60
N THR B 206 0.40 25.92 -12.41
CA THR B 206 -0.89 26.38 -12.87
C THR B 206 -1.72 26.89 -11.70
N ALA B 207 -2.46 27.99 -11.95
CA ALA B 207 -3.31 28.55 -10.92
C ALA B 207 -4.57 27.71 -10.79
N ALA B 208 -5.27 27.93 -9.67
CA ALA B 208 -6.55 27.33 -9.38
C ALA B 208 -7.56 28.41 -9.05
N SER B 209 -8.54 28.61 -9.94
CA SER B 209 -9.51 29.68 -9.77
C SER B 209 -10.91 29.10 -9.79
N GLY B 210 -11.65 29.37 -8.70
CA GLY B 210 -13.07 29.06 -8.60
C GLY B 210 -13.39 28.02 -7.54
N ILE B 211 -14.50 27.33 -7.76
CA ILE B 211 -15.00 26.34 -6.82
C ILE B 211 -14.20 25.05 -7.01
N TRP B 212 -13.46 24.61 -5.98
CA TRP B 212 -12.60 23.45 -6.15
C TRP B 212 -12.84 22.33 -5.13
N GLN B 213 -13.83 22.51 -4.25
CA GLN B 213 -14.31 21.49 -3.36
C GLN B 213 -15.84 21.42 -3.44
N THR B 214 -16.37 20.32 -2.89
CA THR B 214 -17.79 20.02 -2.96
C THR B 214 -18.65 21.18 -2.44
N VAL B 215 -19.69 21.51 -3.22
CA VAL B 215 -20.78 22.36 -2.79
C VAL B 215 -21.97 21.48 -2.42
N TRP B 216 -22.59 21.76 -1.28
CA TRP B 216 -23.66 20.91 -0.81
C TRP B 216 -24.60 21.65 0.12
N LEU B 217 -25.75 21.00 0.39
CA LEU B 217 -26.79 21.51 1.27
C LEU B 217 -26.95 20.57 2.44
N GLU B 218 -27.37 21.11 3.59
CA GLU B 218 -27.79 20.27 4.70
C GLU B 218 -28.80 20.99 5.58
N PRO B 219 -29.81 20.26 6.12
CA PRO B 219 -30.73 20.82 7.09
C PRO B 219 -30.24 20.67 8.53
N THR B 220 -30.53 21.67 9.35
CA THR B 220 -30.26 21.64 10.78
C THR B 220 -31.45 22.24 11.52
N ALA B 221 -31.59 21.83 12.78
CA ALA B 221 -32.32 22.63 13.76
C ALA B 221 -31.70 24.04 13.79
N ALA B 222 -32.54 25.04 14.09
CA ALA B 222 -32.06 26.39 14.26
C ALA B 222 -30.92 26.41 15.28
N ALA B 223 -31.16 25.82 16.44
CA ALA B 223 -30.12 25.62 17.45
C ALA B 223 -29.34 24.38 17.07
N HIS B 224 -28.11 24.56 16.56
CA HIS B 224 -27.35 23.42 16.07
C HIS B 224 -25.84 23.52 16.40
N VAL B 225 -25.18 22.36 16.34
CA VAL B 225 -23.73 22.26 16.51
C VAL B 225 -23.05 22.69 15.21
N THR B 226 -22.05 23.57 15.35
CA THR B 226 -21.26 24.00 14.21
C THR B 226 -19.82 23.52 14.35
N ARG B 227 -19.40 23.11 15.54
CA ARG B 227 -18.01 22.74 15.75
C ARG B 227 -17.90 21.83 16.96
N LEU B 228 -17.06 20.80 16.84
CA LEU B 228 -16.71 19.92 17.93
C LEU B 228 -15.20 19.93 18.04
N ASP B 229 -14.69 20.42 19.17
CA ASP B 229 -13.27 20.41 19.44
C ASP B 229 -12.96 19.23 20.36
N LEU B 230 -12.40 18.17 19.78
CA LEU B 230 -12.12 16.94 20.50
C LEU B 230 -10.62 16.83 20.69
N VAL B 231 -10.18 16.89 21.96
CA VAL B 231 -8.77 16.96 22.32
C VAL B 231 -8.46 15.77 23.21
N PRO B 232 -7.77 14.75 22.68
CA PRO B 232 -7.48 13.58 23.50
C PRO B 232 -6.60 13.89 24.70
N ASP B 233 -6.89 13.22 25.82
CA ASP B 233 -6.04 13.29 27.00
C ASP B 233 -5.85 11.88 27.53
N PRO B 234 -5.27 10.96 26.73
CA PRO B 234 -5.12 9.57 27.15
C PRO B 234 -4.34 9.37 28.45
N ALA B 235 -3.38 10.24 28.75
CA ALA B 235 -2.64 10.07 30.00
C ALA B 235 -3.63 10.09 31.17
N ASN B 236 -4.75 10.79 31.00
CA ASN B 236 -5.74 10.90 32.08
C ASN B 236 -7.00 10.15 31.69
N SER B 237 -6.88 9.25 30.71
CA SER B 237 -7.95 8.35 30.35
C SER B 237 -9.23 9.12 30.04
N ARG B 238 -9.12 10.23 29.27
CA ARG B 238 -10.31 10.99 28.94
C ARG B 238 -10.16 11.73 27.63
N LEU B 239 -11.29 12.14 27.08
CA LEU B 239 -11.38 13.04 25.94
C LEU B 239 -11.84 14.43 26.40
N LYS B 240 -11.08 15.46 26.03
CA LYS B 240 -11.52 16.83 26.28
C LYS B 240 -12.39 17.30 25.12
N VAL B 241 -13.59 17.82 25.44
CA VAL B 241 -14.57 18.13 24.44
C VAL B 241 -15.03 19.58 24.63
N THR B 242 -15.06 20.33 23.53
CA THR B 242 -15.82 21.57 23.48
C THR B 242 -16.83 21.50 22.35
N VAL B 243 -18.13 21.57 22.73
CA VAL B 243 -19.22 21.59 21.79
C VAL B 243 -19.55 23.06 21.53
N ARG B 244 -19.68 23.44 20.27
CA ARG B 244 -19.90 24.82 19.90
C ARG B 244 -20.99 24.88 18.83
N GLY B 245 -21.76 25.95 18.80
CA GLY B 245 -22.67 26.09 17.68
C GLY B 245 -23.47 27.39 17.70
N ALA B 246 -24.64 27.34 17.07
CA ALA B 246 -25.50 28.50 16.88
C ALA B 246 -26.73 28.34 17.77
N GLY B 247 -26.97 29.29 18.69
CA GLY B 247 -28.16 29.25 19.52
C GLY B 247 -28.09 28.28 20.70
N ILE B 248 -26.92 27.72 21.01
CA ILE B 248 -26.84 26.66 22.01
C ILE B 248 -25.94 27.03 23.18
N SER B 249 -25.50 28.28 23.28
CA SER B 249 -24.63 28.66 24.39
C SER B 249 -25.33 28.53 25.74
N GLY B 250 -26.65 28.62 25.78
CA GLY B 250 -27.30 28.43 27.07
C GLY B 250 -27.21 26.98 27.60
N HIS B 251 -26.96 26.03 26.70
CA HIS B 251 -27.38 24.65 26.93
C HIS B 251 -26.26 23.80 27.49
N GLN B 252 -26.65 22.62 28.01
CA GLN B 252 -25.74 21.52 28.33
C GLN B 252 -25.68 20.62 27.10
N ALA B 253 -24.61 19.82 27.01
CA ALA B 253 -24.49 18.86 25.94
C ALA B 253 -24.09 17.49 26.49
N ARG B 254 -24.60 16.43 25.85
CA ARG B 254 -24.14 15.08 26.15
C ARG B 254 -23.14 14.65 25.08
N VAL B 255 -21.98 14.16 25.52
CA VAL B 255 -21.00 13.63 24.59
C VAL B 255 -20.64 12.20 24.99
N THR B 256 -20.72 11.29 24.00
CA THR B 256 -20.51 9.86 24.18
C THR B 256 -19.46 9.34 23.21
N VAL B 257 -18.46 8.68 23.79
CA VAL B 257 -17.46 7.95 23.06
C VAL B 257 -17.79 6.46 23.09
N SER B 258 -17.71 5.82 21.92
CA SER B 258 -18.01 4.40 21.81
C SER B 258 -17.07 3.76 20.78
N THR B 259 -17.06 2.42 20.79
CA THR B 259 -16.47 1.64 19.71
C THR B 259 -17.30 0.39 19.46
N GLY B 260 -17.59 0.12 18.18
CA GLY B 260 -18.52 -0.93 17.78
C GLY B 260 -19.82 -0.97 18.60
N GLY B 261 -20.37 0.20 18.94
CA GLY B 261 -21.67 0.28 19.58
C GLY B 261 -21.60 0.07 21.09
N THR B 262 -20.40 -0.17 21.64
CA THR B 262 -20.16 -0.21 23.08
C THR B 262 -19.72 1.17 23.57
N THR B 263 -20.52 1.74 24.48
CA THR B 263 -20.20 3.01 25.13
C THR B 263 -19.00 2.80 26.04
N VAL B 264 -18.00 3.66 25.87
CA VAL B 264 -16.78 3.60 26.64
C VAL B 264 -16.84 4.64 27.74
N GLY B 265 -17.37 5.81 27.40
CA GLY B 265 -17.55 6.90 28.34
C GLY B 265 -18.63 7.85 27.85
N THR B 266 -19.29 8.51 28.82
CA THR B 266 -20.26 9.54 28.51
C THR B 266 -20.18 10.65 29.57
N ALA B 267 -20.51 11.90 29.17
CA ALA B 267 -20.63 12.99 30.11
C ALA B 267 -21.47 14.10 29.50
N THR B 268 -22.05 14.89 30.40
CA THR B 268 -22.74 16.12 30.03
C THR B 268 -21.97 17.27 30.62
N GLY B 269 -22.04 18.37 29.90
CA GLY B 269 -21.32 19.56 30.29
C GLY B 269 -21.83 20.73 29.51
N PRO B 270 -21.33 21.93 29.85
CA PRO B 270 -21.78 23.17 29.24
C PRO B 270 -21.27 23.30 27.81
N VAL B 271 -22.15 23.73 26.91
CA VAL B 271 -21.77 24.12 25.56
C VAL B 271 -20.83 25.33 25.66
N GLY B 272 -19.78 25.34 24.84
CA GLY B 272 -18.86 26.45 24.74
C GLY B 272 -17.76 26.41 25.80
N THR B 273 -17.80 25.42 26.70
CA THR B 273 -16.75 25.28 27.71
C THR B 273 -16.19 23.87 27.63
N GLU B 274 -14.86 23.73 27.68
CA GLU B 274 -14.24 22.41 27.64
C GLU B 274 -14.67 21.61 28.86
N PHE B 275 -15.11 20.37 28.63
CA PHE B 275 -15.30 19.39 29.70
C PHE B 275 -14.71 18.05 29.25
N THR B 276 -14.74 17.07 30.17
CA THR B 276 -14.08 15.79 29.88
C THR B 276 -15.10 14.66 29.85
N VAL B 277 -14.79 13.68 28.98
CA VAL B 277 -15.55 12.45 28.85
C VAL B 277 -14.59 11.31 29.14
N PRO B 278 -14.94 10.33 30.00
CA PRO B 278 -14.07 9.17 30.25
C PRO B 278 -13.77 8.36 29.00
N VAL B 279 -12.52 7.89 28.88
CA VAL B 279 -12.17 6.94 27.85
C VAL B 279 -11.25 5.93 28.52
N PRO B 280 -11.79 5.02 29.36
CA PRO B 280 -10.95 4.15 30.19
C PRO B 280 -10.13 3.21 29.31
N ASN B 281 -8.88 2.96 29.70
CA ASN B 281 -8.04 2.00 29.00
C ASN B 281 -8.01 2.29 27.50
N PRO B 282 -7.58 3.52 27.12
CA PRO B 282 -7.70 3.96 25.74
C PRO B 282 -6.74 3.17 24.87
N ARG B 283 -7.25 2.76 23.71
CA ARG B 283 -6.44 2.25 22.61
C ARG B 283 -5.94 3.48 21.84
N LEU B 284 -4.61 3.67 21.81
CA LEU B 284 -4.03 4.91 21.30
C LEU B 284 -4.03 4.91 19.79
N TRP B 285 -4.13 6.10 19.20
CA TRP B 285 -3.95 6.26 17.77
C TRP B 285 -2.46 6.45 17.48
N THR B 286 -1.95 5.69 16.50
CA THR B 286 -0.61 5.88 15.96
C THR B 286 -0.67 5.63 14.46
N PRO B 287 0.35 6.02 13.68
CA PRO B 287 0.38 5.66 12.27
C PRO B 287 0.24 4.14 12.04
N GLU B 288 0.74 3.31 12.98
CA GLU B 288 0.75 1.87 12.82
C GLU B 288 -0.57 1.23 13.29
N ASP B 289 -1.25 1.89 14.23
CA ASP B 289 -2.56 1.46 14.66
C ASP B 289 -3.46 2.68 14.75
N PRO B 290 -3.97 3.18 13.62
CA PRO B 290 -4.78 4.41 13.60
C PRO B 290 -6.19 4.20 14.14
N PHE B 291 -6.28 3.75 15.39
CA PHE B 291 -7.55 3.32 15.96
C PHE B 291 -8.42 4.55 16.20
N LEU B 292 -9.69 4.49 15.78
CA LEU B 292 -10.63 5.58 15.99
C LEU B 292 -11.83 5.10 16.81
N TYR B 293 -12.23 5.96 17.76
CA TYR B 293 -13.47 5.82 18.50
C TYR B 293 -14.55 6.67 17.85
N ASP B 294 -15.79 6.19 17.96
CA ASP B 294 -16.93 6.98 17.56
C ASP B 294 -17.21 8.00 18.65
N VAL B 295 -17.74 9.15 18.22
CA VAL B 295 -18.12 10.19 19.15
C VAL B 295 -19.47 10.71 18.69
N ARG B 296 -20.33 11.04 19.65
CA ARG B 296 -21.57 11.69 19.31
C ARG B 296 -21.83 12.82 20.29
N ALA B 297 -22.36 13.92 19.76
CA ALA B 297 -22.63 15.12 20.55
C ALA B 297 -24.08 15.59 20.35
N ASP B 298 -24.74 15.85 21.49
CA ASP B 298 -26.17 16.13 21.56
C ASP B 298 -26.36 17.29 22.53
N PRO B 299 -26.62 18.51 22.01
CA PRO B 299 -27.02 19.63 22.85
C PRO B 299 -28.41 19.28 23.37
N LEU B 300 -28.69 19.63 24.63
CA LEU B 300 -29.90 19.18 25.31
C LEU B 300 -30.91 20.34 25.47
N VAL B 306 -32.86 18.14 19.93
CA VAL B 306 -32.61 19.43 19.20
C VAL B 306 -31.81 19.10 17.94
N ASP B 307 -30.55 18.72 18.13
CA ASP B 307 -29.60 18.41 17.06
C ASP B 307 -28.74 17.26 17.56
N SER B 308 -28.12 16.54 16.63
CA SER B 308 -27.26 15.43 17.00
C SER B 308 -26.22 15.28 15.92
N VAL B 309 -24.94 15.17 16.30
CA VAL B 309 -23.89 15.01 15.30
C VAL B 309 -23.01 13.79 15.62
N GLY B 310 -22.54 13.16 14.54
CA GLY B 310 -21.57 12.08 14.64
C GLY B 310 -20.16 12.61 14.37
N SER B 311 -19.18 12.02 15.07
CA SER B 311 -17.79 12.40 14.90
C SER B 311 -16.93 11.19 15.28
N TYR B 312 -15.63 11.43 15.43
CA TYR B 312 -14.74 10.37 15.83
C TYR B 312 -13.49 11.01 16.43
N THR B 313 -12.72 10.25 17.19
CA THR B 313 -11.45 10.76 17.66
C THR B 313 -10.40 9.66 17.52
N GLY B 314 -9.15 10.06 17.27
CA GLY B 314 -8.01 9.20 17.50
C GLY B 314 -7.29 9.60 18.78
N MET B 315 -7.20 8.69 19.75
CA MET B 315 -6.64 9.05 21.03
C MET B 315 -5.11 9.11 20.94
N ARG B 316 -4.60 10.32 20.76
CA ARG B 316 -3.16 10.53 20.66
C ARG B 316 -2.83 11.91 21.20
N THR B 317 -1.58 12.09 21.63
CA THR B 317 -1.04 13.41 21.95
C THR B 317 0.23 13.64 21.16
N ILE B 318 0.57 14.92 20.95
CA ILE B 318 1.82 15.35 20.38
C ILE B 318 2.29 16.54 21.19
N ALA B 319 3.56 16.51 21.59
CA ALA B 319 4.14 17.55 22.42
C ALA B 319 5.64 17.53 22.22
N LEU B 320 6.28 18.60 22.70
CA LEU B 320 7.74 18.66 22.76
C LEU B 320 8.13 18.22 24.16
N ALA B 321 8.99 17.21 24.29
CA ALA B 321 9.50 16.82 25.60
C ALA B 321 10.98 16.51 25.47
N SER B 322 11.64 16.45 26.63
CA SER B 322 13.05 16.10 26.66
C SER B 322 13.16 14.56 26.73
N VAL B 323 13.84 13.96 25.74
CA VAL B 323 14.00 12.52 25.69
C VAL B 323 15.48 12.23 25.46
N GLY B 324 16.14 11.53 26.38
CA GLY B 324 17.55 11.24 26.17
C GLY B 324 18.43 12.50 26.16
N GLY B 325 17.91 13.59 26.74
CA GLY B 325 18.64 14.86 26.77
C GLY B 325 18.36 15.76 25.57
N HIS B 326 17.55 15.29 24.60
CA HIS B 326 17.24 16.06 23.41
C HIS B 326 15.77 16.46 23.46
N GLN B 327 15.44 17.69 23.08
CA GLN B 327 14.09 18.06 22.76
C GLN B 327 13.65 17.23 21.55
N ARG B 328 12.54 16.52 21.73
CA ARG B 328 12.00 15.61 20.74
C ARG B 328 10.50 15.83 20.63
N PRO B 329 9.92 15.64 19.42
CA PRO B 329 8.47 15.54 19.31
C PRO B 329 8.05 14.15 19.79
N VAL B 330 7.20 14.11 20.84
CA VAL B 330 6.77 12.85 21.42
C VAL B 330 5.29 12.64 21.06
N LEU B 331 5.02 11.46 20.50
CA LEU B 331 3.68 11.00 20.18
C LEU B 331 3.31 10.04 21.30
N ASN B 332 2.23 10.33 22.00
CA ASN B 332 1.76 9.49 23.09
C ASN B 332 2.86 9.28 24.12
N GLY B 333 3.65 10.33 24.34
CA GLY B 333 4.68 10.33 25.35
C GLY B 333 6.00 9.69 24.92
N LYS B 334 6.15 9.23 23.67
CA LYS B 334 7.37 8.57 23.24
C LYS B 334 7.87 9.19 21.93
N PHE B 335 9.20 9.33 21.79
CA PHE B 335 9.74 9.89 20.57
C PHE B 335 9.64 8.83 19.46
N VAL B 336 9.16 9.25 18.29
CA VAL B 336 9.31 8.49 17.06
C VAL B 336 9.74 9.47 16.00
N PHE B 337 10.74 9.08 15.20
CA PHE B 337 11.19 9.92 14.12
C PHE B 337 10.06 10.04 13.10
N GLN B 338 9.85 11.25 12.58
CA GLN B 338 8.79 11.46 11.60
C GLN B 338 9.47 11.57 10.24
N THR B 339 9.37 10.50 9.47
CA THR B 339 9.94 10.47 8.13
C THR B 339 8.76 10.65 7.16
N GLY B 340 8.76 11.75 6.43
CA GLY B 340 7.66 12.13 5.58
C GLY B 340 8.10 12.55 4.19
N THR B 341 7.08 12.87 3.37
CA THR B 341 7.35 13.56 2.11
C THR B 341 6.76 14.96 2.10
N LEU B 342 7.29 15.77 1.20
CA LEU B 342 6.60 16.97 0.74
C LEU B 342 5.54 16.53 -0.27
N ASP B 343 4.31 16.98 -0.05
CA ASP B 343 3.17 16.64 -0.88
C ASP B 343 2.41 17.92 -1.20
N GLN B 344 2.45 18.30 -2.48
CA GLN B 344 1.94 19.58 -2.91
C GLN B 344 0.47 19.52 -3.34
N GLY B 345 -0.11 18.32 -3.43
CA GLY B 345 -1.54 18.22 -3.68
C GLY B 345 -1.97 18.71 -5.07
N TYR B 346 -1.07 18.59 -6.07
CA TYR B 346 -1.40 18.98 -7.43
C TYR B 346 -1.73 17.74 -8.27
N TRP B 347 -2.55 17.99 -9.30
CA TRP B 347 -3.03 16.95 -10.19
C TRP B 347 -3.00 17.44 -11.64
N PRO B 348 -2.51 16.67 -12.63
CA PRO B 348 -2.41 17.18 -14.00
C PRO B 348 -3.78 17.39 -14.61
N ASP B 349 -4.78 16.65 -14.10
CA ASP B 349 -6.12 16.60 -14.65
C ASP B 349 -7.02 17.56 -13.90
N GLY B 350 -6.89 17.64 -12.55
CA GLY B 350 -7.81 18.40 -11.72
C GLY B 350 -7.17 19.66 -11.10
N ILE B 351 -5.88 19.84 -11.35
CA ILE B 351 -5.07 20.93 -10.78
C ILE B 351 -5.11 20.83 -9.25
N TYR B 352 -6.11 21.44 -8.61
CA TYR B 352 -6.20 21.49 -7.16
C TYR B 352 -7.13 20.41 -6.60
N THR B 353 -7.89 19.73 -7.47
CA THR B 353 -8.92 18.82 -7.01
C THR B 353 -8.58 17.42 -7.53
N ALA B 354 -8.51 16.46 -6.61
CA ALA B 354 -8.28 15.06 -6.98
C ALA B 354 -9.49 14.55 -7.76
N PRO B 355 -9.30 13.83 -8.89
CA PRO B 355 -10.44 13.38 -9.71
C PRO B 355 -11.56 12.63 -8.97
N THR B 356 -11.18 11.71 -8.08
CA THR B 356 -12.11 10.90 -7.32
C THR B 356 -11.55 10.77 -5.91
N ASP B 357 -12.39 10.26 -4.99
CA ASP B 357 -11.97 10.03 -3.62
C ASP B 357 -10.85 8.99 -3.57
N ALA B 358 -10.90 8.00 -4.47
CA ALA B 358 -9.82 7.03 -4.57
C ALA B 358 -8.48 7.69 -4.93
N ALA B 359 -8.54 8.66 -5.86
CA ALA B 359 -7.36 9.39 -6.29
C ALA B 359 -6.80 10.16 -5.09
N LEU B 360 -7.70 10.84 -4.36
CA LEU B 360 -7.32 11.59 -3.17
C LEU B 360 -6.62 10.67 -2.17
N ARG B 361 -7.22 9.51 -1.85
CA ARG B 361 -6.68 8.55 -0.88
C ARG B 361 -5.33 7.97 -1.36
N HIS B 362 -5.18 7.83 -2.67
CA HIS B 362 -4.09 7.08 -3.26
C HIS B 362 -2.73 7.60 -2.78
N ASP B 363 -2.54 8.94 -2.80
CA ASP B 363 -1.22 9.48 -2.53
C ASP B 363 -0.83 9.15 -1.08
N LEU B 364 -1.82 9.04 -0.19
CA LEU B 364 -1.57 8.69 1.21
C LEU B 364 -1.27 7.20 1.33
N GLN B 365 -2.04 6.38 0.60
CA GLN B 365 -1.73 4.96 0.56
C GLN B 365 -0.30 4.74 0.07
N LYS B 366 0.18 5.54 -0.90
CA LYS B 366 1.54 5.36 -1.39
C LYS B 366 2.55 5.74 -0.30
N HIS B 367 2.23 6.72 0.56
CA HIS B 367 3.09 7.00 1.71
C HIS B 367 3.28 5.74 2.56
N LYS B 368 2.17 5.04 2.83
CA LYS B 368 2.20 3.83 3.64
C LYS B 368 3.07 2.75 3.01
N ASP B 369 2.88 2.49 1.72
CA ASP B 369 3.61 1.46 0.99
C ASP B 369 5.11 1.77 0.99
N LEU B 370 5.44 3.08 0.96
CA LEU B 370 6.82 3.54 0.93
C LEU B 370 7.41 3.69 2.32
N GLY B 371 6.61 3.40 3.37
CA GLY B 371 7.13 3.35 4.74
C GLY B 371 7.18 4.69 5.47
N PHE B 372 6.75 5.79 4.82
CA PHE B 372 6.66 7.09 5.48
C PHE B 372 5.58 7.04 6.55
N ASN B 373 5.84 7.71 7.69
CA ASN B 373 4.83 7.82 8.73
C ASN B 373 4.28 9.25 8.83
N MET B 374 4.67 10.13 7.91
CA MET B 374 4.30 11.54 7.99
C MET B 374 4.15 12.12 6.58
N VAL B 375 3.37 13.20 6.46
CA VAL B 375 3.30 13.96 5.23
C VAL B 375 3.30 15.43 5.58
N ARG B 376 4.08 16.28 4.87
CA ARG B 376 3.88 17.71 4.96
C ARG B 376 3.12 18.21 3.73
N LYS B 377 1.91 18.67 3.98
CA LYS B 377 1.10 19.19 2.91
C LYS B 377 1.56 20.62 2.64
N HIS B 378 2.04 20.86 1.43
CA HIS B 378 2.85 22.02 1.14
C HIS B 378 1.99 23.19 0.61
N ILE B 379 1.96 24.28 1.40
CA ILE B 379 1.28 25.53 1.09
C ILE B 379 -0.02 25.31 0.29
N LYS B 380 -0.83 24.38 0.82
CA LYS B 380 -2.15 24.05 0.32
C LYS B 380 -2.91 23.39 1.46
N VAL B 381 -4.18 23.74 1.66
CA VAL B 381 -5.03 23.01 2.60
C VAL B 381 -6.06 22.20 1.82
N GLU B 382 -6.00 20.88 2.03
CA GLU B 382 -6.82 19.93 1.31
C GLU B 382 -8.24 19.94 1.88
N PRO B 383 -9.23 19.42 1.13
CA PRO B 383 -10.56 19.16 1.70
C PRO B 383 -10.56 18.24 2.91
N GLN B 384 -11.62 18.35 3.71
CA GLN B 384 -11.70 17.61 4.96
C GLN B 384 -11.52 16.08 4.75
N ARG B 385 -12.02 15.57 3.65
CA ARG B 385 -11.93 14.13 3.37
C ARG B 385 -10.47 13.68 3.29
N TRP B 386 -9.57 14.59 2.88
CA TRP B 386 -8.16 14.23 2.91
C TRP B 386 -7.69 14.00 4.34
N PHE B 387 -8.07 14.88 5.29
CA PHE B 387 -7.73 14.70 6.69
C PHE B 387 -8.32 13.40 7.21
N TYR B 388 -9.55 13.09 6.78
CA TYR B 388 -10.18 11.85 7.19
C TYR B 388 -9.33 10.65 6.76
N TRP B 389 -8.80 10.69 5.52
CA TRP B 389 -8.02 9.59 5.00
C TRP B 389 -6.67 9.47 5.73
N ALA B 390 -6.08 10.59 6.13
CA ALA B 390 -4.87 10.50 6.94
C ALA B 390 -5.17 9.96 8.33
N ASP B 391 -6.30 10.42 8.90
CA ASP B 391 -6.79 9.89 10.17
C ASP B 391 -6.96 8.37 10.11
N ARG B 392 -7.55 7.88 9.02
CA ARG B 392 -7.90 6.46 8.89
C ARG B 392 -6.70 5.61 8.54
N LEU B 393 -5.88 6.11 7.61
CA LEU B 393 -4.76 5.33 7.10
C LEU B 393 -3.59 5.33 8.08
N GLY B 394 -3.46 6.40 8.87
CA GLY B 394 -2.42 6.49 9.87
C GLY B 394 -1.17 7.18 9.32
N LEU B 395 -1.24 8.49 9.18
CA LEU B 395 -0.08 9.30 8.83
C LEU B 395 -0.10 10.54 9.69
N LEU B 396 1.04 10.91 10.28
CA LEU B 396 1.19 12.22 10.88
C LEU B 396 1.15 13.28 9.80
N VAL B 397 0.43 14.38 10.08
CA VAL B 397 0.31 15.45 9.11
C VAL B 397 0.91 16.74 9.66
N TRP B 398 1.75 17.36 8.82
CA TRP B 398 2.13 18.75 9.03
C TRP B 398 1.37 19.60 8.02
N GLN B 399 0.73 20.66 8.48
CA GLN B 399 -0.08 21.49 7.58
C GLN B 399 0.55 22.86 7.48
N ASP B 400 0.97 23.24 6.28
CA ASP B 400 1.46 24.57 5.98
C ASP B 400 0.28 25.53 5.85
N MET B 401 0.39 26.74 6.41
CA MET B 401 -0.51 27.81 6.00
C MET B 401 -0.06 28.28 4.63
N PRO B 402 -0.90 28.31 3.57
CA PRO B 402 -0.46 28.79 2.26
C PRO B 402 0.04 30.24 2.32
N ASN B 403 1.20 30.48 1.71
CA ASN B 403 1.83 31.79 1.71
C ASN B 403 1.20 32.79 0.74
N MET B 404 1.45 34.07 1.09
CA MET B 404 1.35 35.20 0.17
C MET B 404 2.61 35.29 -0.68
N GLU B 405 2.45 35.90 -1.84
CA GLU B 405 3.52 36.07 -2.81
C GLU B 405 4.52 37.14 -2.37
N ARG B 406 4.12 38.14 -1.59
CA ARG B 406 5.07 39.17 -1.20
C ARG B 406 4.71 39.71 0.17
N THR B 407 5.58 40.56 0.72
CA THR B 407 5.35 41.11 2.04
C THR B 407 3.96 41.72 2.11
N PRO B 408 3.14 41.30 3.09
CA PRO B 408 1.80 41.86 3.25
C PRO B 408 1.74 43.25 3.85
N ASP B 409 0.79 44.04 3.36
CA ASP B 409 0.42 45.29 4.02
C ASP B 409 -0.61 45.01 5.11
N ALA B 410 -1.16 46.07 5.73
CA ALA B 410 -1.92 45.88 6.96
C ALA B 410 -3.16 45.02 6.69
N ALA B 411 -3.90 45.37 5.63
CA ALA B 411 -5.14 44.66 5.30
C ALA B 411 -4.84 43.20 4.92
N ALA B 412 -3.72 42.99 4.24
CA ALA B 412 -3.31 41.66 3.82
C ALA B 412 -3.00 40.77 5.03
N ARG B 413 -2.36 41.37 6.04
CA ARG B 413 -2.07 40.66 7.26
C ARG B 413 -3.35 40.28 8.01
N THR B 414 -4.29 41.24 8.16
CA THR B 414 -5.57 40.94 8.78
C THR B 414 -6.27 39.78 8.07
N GLN B 415 -6.29 39.83 6.74
CA GLN B 415 -6.99 38.84 5.95
C GLN B 415 -6.30 37.48 6.10
N TRP B 416 -4.98 37.46 5.93
CA TRP B 416 -4.22 36.21 6.03
C TRP B 416 -4.41 35.56 7.39
N GLU B 417 -4.32 36.36 8.46
CA GLU B 417 -4.50 35.82 9.80
C GLU B 417 -5.92 35.33 10.06
N ALA B 418 -6.92 35.97 9.46
CA ALA B 418 -8.31 35.54 9.60
C ALA B 418 -8.51 34.19 8.91
N GLU B 419 -7.89 34.04 7.73
CA GLU B 419 -7.91 32.78 7.01
C GLU B 419 -7.27 31.69 7.85
N TYR B 420 -6.04 31.94 8.36
CA TYR B 420 -5.35 30.95 9.17
C TYR B 420 -6.16 30.58 10.43
N ASP B 421 -6.72 31.56 11.11
CA ASP B 421 -7.57 31.26 12.26
C ASP B 421 -8.67 30.28 11.89
N ARG B 422 -9.32 30.47 10.74
CA ARG B 422 -10.43 29.60 10.35
C ARG B 422 -9.92 28.18 10.04
N ILE B 423 -8.78 28.11 9.35
CA ILE B 423 -8.16 26.82 9.04
C ILE B 423 -7.83 26.08 10.32
N ILE B 424 -7.20 26.75 11.29
CA ILE B 424 -6.96 26.11 12.59
C ILE B 424 -8.28 25.62 13.22
N ASP B 425 -9.28 26.50 13.26
CA ASP B 425 -10.52 26.15 13.94
C ASP B 425 -11.18 24.94 13.31
N GLN B 426 -11.05 24.81 11.99
CA GLN B 426 -11.72 23.79 11.20
C GLN B 426 -11.05 22.42 11.30
N HIS B 427 -9.89 22.31 11.96
CA HIS B 427 -9.14 21.06 12.00
C HIS B 427 -8.71 20.66 13.41
N ARG B 428 -9.35 21.18 14.46
CA ARG B 428 -8.90 20.91 15.82
C ARG B 428 -8.98 19.43 16.23
N SER B 429 -9.90 18.66 15.62
CA SER B 429 -10.18 17.31 16.10
C SER B 429 -9.44 16.23 15.30
N SER B 430 -8.65 16.60 14.30
CA SER B 430 -8.00 15.61 13.45
C SER B 430 -6.86 14.94 14.21
N PRO B 431 -6.85 13.59 14.39
CA PRO B 431 -5.72 12.94 15.02
C PRO B 431 -4.46 13.00 14.15
N SER B 432 -4.58 12.93 12.83
CA SER B 432 -3.40 12.90 11.97
C SER B 432 -2.63 14.22 12.07
N LEU B 433 -3.38 15.32 12.10
CA LEU B 433 -2.79 16.66 12.13
C LEU B 433 -2.06 16.85 13.45
N VAL B 434 -0.75 17.07 13.37
CA VAL B 434 0.07 17.17 14.58
C VAL B 434 0.94 18.44 14.60
N LEU B 435 1.09 19.15 13.49
CA LEU B 435 2.01 20.28 13.43
C LEU B 435 1.55 21.30 12.39
N TRP B 436 1.63 22.60 12.76
CA TRP B 436 1.38 23.75 11.90
C TRP B 436 2.69 24.38 11.46
N VAL B 437 2.82 24.59 10.14
CA VAL B 437 3.91 25.31 9.54
C VAL B 437 3.43 26.69 9.13
N ASN B 438 3.82 27.70 9.93
CA ASN B 438 3.27 29.03 9.74
C ASN B 438 3.69 29.63 8.41
N GLN B 439 4.98 29.50 8.08
CA GLN B 439 5.58 30.24 6.99
C GLN B 439 6.71 29.39 6.39
N ASN B 440 7.03 29.70 5.13
CA ASN B 440 7.90 28.88 4.30
C ASN B 440 8.94 29.75 3.58
N GLU B 441 10.23 29.51 3.91
CA GLU B 441 11.35 30.10 3.18
C GLU B 441 11.27 31.63 3.07
N GLY B 442 10.64 32.26 4.06
CA GLY B 442 10.56 33.71 4.07
C GLY B 442 9.48 34.27 3.15
N TRP B 443 8.62 33.43 2.54
CA TRP B 443 7.72 33.90 1.47
C TRP B 443 6.58 34.70 2.10
N GLY B 444 6.48 35.98 1.73
CA GLY B 444 5.46 36.83 2.30
C GLY B 444 5.65 37.03 3.80
N GLN B 445 6.90 36.95 4.29
CA GLN B 445 7.06 36.71 5.71
C GLN B 445 6.88 37.99 6.55
N TYR B 446 6.39 37.79 7.77
CA TYR B 446 6.33 38.83 8.78
C TYR B 446 6.06 38.19 10.14
N ASP B 447 6.29 38.99 11.19
CA ASP B 447 5.94 38.67 12.57
C ASP B 447 6.22 37.22 12.91
N GLN B 448 7.45 36.72 12.73
CA GLN B 448 7.71 35.30 12.82
C GLN B 448 7.46 34.78 14.22
N ALA B 449 8.08 35.47 15.20
CA ALA B 449 7.91 35.09 16.59
C ALA B 449 6.48 35.28 17.09
N ARG B 450 5.86 36.43 16.83
CA ARG B 450 4.50 36.67 17.29
C ARG B 450 3.58 35.55 16.79
N LEU B 451 3.73 35.18 15.51
CA LEU B 451 2.78 34.26 14.92
C LEU B 451 2.97 32.84 15.45
N ALA B 452 4.20 32.45 15.79
CA ALA B 452 4.47 31.17 16.43
C ALA B 452 3.76 31.13 17.78
N ASP B 453 3.93 32.19 18.60
CA ASP B 453 3.25 32.20 19.88
C ASP B 453 1.73 32.20 19.73
N LYS B 454 1.22 33.00 18.75
CA LYS B 454 -0.20 33.12 18.52
C LYS B 454 -0.80 31.77 18.15
N VAL B 455 -0.15 31.04 17.25
CA VAL B 455 -0.74 29.77 16.82
C VAL B 455 -0.65 28.74 17.94
N LYS B 456 0.45 28.75 18.70
CA LYS B 456 0.64 27.80 19.78
C LYS B 456 -0.45 28.04 20.82
N ALA B 457 -0.71 29.31 21.11
CA ALA B 457 -1.70 29.64 22.13
C ALA B 457 -3.09 29.31 21.61
N TYR B 458 -3.28 29.36 20.28
CA TYR B 458 -4.58 29.09 19.69
C TYR B 458 -4.85 27.59 19.61
N ASP B 459 -3.80 26.77 19.46
CA ASP B 459 -3.93 25.31 19.34
C ASP B 459 -2.77 24.65 20.06
N PRO B 460 -2.69 24.70 21.42
CA PRO B 460 -1.50 24.24 22.13
C PRO B 460 -1.26 22.73 22.09
N THR B 461 -2.28 21.96 21.65
CA THR B 461 -2.09 20.51 21.63
C THR B 461 -1.46 20.06 20.31
N ARG B 462 -1.07 21.01 19.44
CA ARG B 462 -0.29 20.71 18.25
C ARG B 462 1.09 21.34 18.36
N LEU B 463 2.01 20.89 17.51
CA LEU B 463 3.33 21.52 17.38
C LEU B 463 3.20 22.72 16.44
N VAL B 464 4.10 23.69 16.62
CA VAL B 464 4.12 24.85 15.72
C VAL B 464 5.55 25.06 15.25
N ASP B 465 5.64 25.36 13.96
CA ASP B 465 6.88 25.68 13.28
C ASP B 465 6.79 27.12 12.78
N ASN B 466 7.65 27.99 13.33
CA ASN B 466 7.52 29.41 13.03
C ASN B 466 7.88 29.71 11.58
N MET B 467 8.85 28.97 11.03
CA MET B 467 9.38 29.26 9.71
C MET B 467 10.11 28.03 9.18
N SER B 468 9.67 27.50 8.04
CA SER B 468 10.28 26.31 7.47
C SER B 468 11.44 26.79 6.59
N GLY B 469 12.66 26.33 6.86
CA GLY B 469 13.80 26.70 6.03
C GLY B 469 14.53 27.95 6.53
N VAL B 470 14.77 28.04 7.86
CA VAL B 470 15.40 29.20 8.48
C VAL B 470 16.86 29.34 8.10
N ASN B 471 17.43 28.34 7.41
CA ASN B 471 18.81 28.38 6.93
C ASN B 471 18.89 28.90 5.48
N CYS B 472 17.73 29.12 4.83
CA CYS B 472 17.55 29.33 3.40
C CYS B 472 17.51 30.85 3.19
N CYS B 473 17.86 31.25 1.75
CA CYS B 473 17.39 32.50 1.09
C CYS B 473 17.29 33.62 2.13
N GLY B 474 16.09 34.19 2.29
CA GLY B 474 15.98 35.35 3.16
C GLY B 474 15.07 35.09 4.37
N ALA B 475 14.97 33.82 4.78
CA ALA B 475 14.03 33.45 5.82
C ALA B 475 14.55 33.98 7.14
N VAL B 476 13.63 34.48 7.97
CA VAL B 476 13.94 34.98 9.29
C VAL B 476 13.35 34.02 10.30
N ASP B 477 14.21 33.58 11.21
CA ASP B 477 13.78 32.71 12.30
C ASP B 477 13.27 33.60 13.43
N GLY B 478 12.03 33.39 13.83
CA GLY B 478 11.49 34.02 15.02
C GLY B 478 12.23 33.60 16.28
N GLY B 479 12.82 32.40 16.25
CA GLY B 479 13.61 31.86 17.35
C GLY B 479 12.80 31.02 18.35
N ASN B 480 11.47 31.01 18.17
CA ASN B 480 10.56 30.34 19.07
C ASN B 480 9.79 29.28 18.28
N GLY B 481 8.60 28.93 18.77
CA GLY B 481 7.92 27.73 18.31
C GLY B 481 8.64 26.49 18.80
N ASP B 482 8.25 25.34 18.25
CA ASP B 482 8.64 24.05 18.79
C ASP B 482 9.82 23.48 18.01
N VAL B 483 10.05 23.94 16.78
CA VAL B 483 11.05 23.30 15.94
C VAL B 483 11.93 24.30 15.21
N VAL B 484 13.21 23.93 15.08
CA VAL B 484 14.15 24.60 14.22
C VAL B 484 14.20 23.77 12.95
N ASP B 485 13.83 24.41 11.84
CA ASP B 485 13.50 23.70 10.60
C ASP B 485 14.39 24.21 9.47
N HIS B 486 15.24 23.32 8.96
CA HIS B 486 16.10 23.65 7.85
C HIS B 486 15.59 22.98 6.58
N HIS B 487 15.89 23.60 5.45
CA HIS B 487 15.74 23.01 4.14
C HIS B 487 17.15 22.81 3.61
N VAL B 488 17.53 21.56 3.34
CA VAL B 488 18.88 21.29 2.84
C VAL B 488 18.79 20.38 1.62
N TYR B 489 19.31 20.85 0.49
CA TYR B 489 19.25 20.04 -0.71
C TYR B 489 20.68 19.81 -1.19
N VAL B 490 21.07 18.55 -1.43
CA VAL B 490 20.19 17.38 -1.39
C VAL B 490 20.04 16.91 0.05
N GLY B 491 20.99 17.25 0.92
CA GLY B 491 20.89 16.93 2.32
C GLY B 491 21.81 15.79 2.74
N PRO B 492 21.74 15.28 3.99
CA PRO B 492 20.70 15.68 4.95
C PRO B 492 20.97 16.92 5.79
N GLY B 493 22.12 17.55 5.65
CA GLY B 493 22.42 18.76 6.43
C GLY B 493 22.89 18.44 7.85
N THR B 494 22.93 19.50 8.69
CA THR B 494 23.53 19.44 10.01
C THR B 494 22.67 20.16 11.03
N THR B 495 21.35 20.07 10.88
CA THR B 495 20.42 20.70 11.82
C THR B 495 20.56 20.02 13.17
N VAL B 496 20.64 20.80 14.25
CA VAL B 496 20.75 20.25 15.59
C VAL B 496 19.67 20.87 16.46
N PRO B 497 19.19 20.11 17.46
CA PRO B 497 18.16 20.65 18.32
C PRO B 497 18.79 21.57 19.36
N SER B 498 17.91 22.30 20.04
CA SER B 498 18.33 23.17 21.11
C SER B 498 17.57 22.83 22.40
N ALA B 499 17.91 23.52 23.48
CA ALA B 499 17.23 23.41 24.75
C ALA B 499 15.74 23.71 24.66
N THR B 500 15.31 24.49 23.66
CA THR B 500 13.92 24.91 23.55
C THR B 500 13.20 24.28 22.36
N ARG B 501 13.95 23.80 21.35
CA ARG B 501 13.31 23.35 20.11
C ARG B 501 13.89 22.02 19.66
N ALA B 502 13.01 21.18 19.13
CA ALA B 502 13.42 20.03 18.35
C ALA B 502 13.93 20.47 16.98
N ALA B 503 14.74 19.61 16.37
CA ALA B 503 15.34 19.84 15.06
C ALA B 503 14.58 19.06 14.01
N VAL B 504 14.22 19.72 12.90
CA VAL B 504 13.58 19.03 11.80
C VAL B 504 14.22 19.47 10.49
N LEU B 505 14.21 18.56 9.52
CA LEU B 505 14.63 18.83 8.17
C LEU B 505 13.36 18.99 7.34
N GLY B 506 12.87 20.23 7.20
CA GLY B 506 11.53 20.43 6.69
C GLY B 506 11.45 20.25 5.17
N GLU B 507 12.61 20.14 4.49
CA GLU B 507 12.71 19.77 3.08
C GLU B 507 14.12 19.26 2.82
N PHE B 508 14.23 18.19 2.03
CA PHE B 508 15.53 17.73 1.55
C PHE B 508 15.27 16.86 0.33
N GLY B 509 16.35 16.40 -0.31
CA GLY B 509 16.24 15.38 -1.36
C GLY B 509 16.12 15.99 -2.75
N GLY B 510 14.91 15.97 -3.31
CA GLY B 510 14.62 16.67 -4.57
C GLY B 510 15.28 16.02 -5.79
N LEU B 511 15.47 14.69 -5.74
CA LEU B 511 16.19 13.92 -6.76
C LEU B 511 15.35 13.74 -8.03
N GLY B 512 15.86 14.20 -9.19
CA GLY B 512 15.14 14.25 -10.46
C GLY B 512 15.27 12.99 -11.32
N PHE B 513 14.19 12.63 -11.98
CA PHE B 513 14.28 11.64 -13.05
C PHE B 513 13.07 11.77 -13.96
N LYS B 514 13.36 11.94 -15.27
CA LYS B 514 12.33 12.03 -16.28
C LYS B 514 11.96 10.64 -16.77
N VAL B 515 10.72 10.25 -16.55
CA VAL B 515 10.20 8.98 -17.00
C VAL B 515 9.55 9.18 -18.38
N ALA B 516 10.18 8.65 -19.42
CA ALA B 516 9.60 8.74 -20.74
C ALA B 516 8.18 8.21 -20.71
N GLY B 517 7.25 8.95 -21.33
CA GLY B 517 5.86 8.55 -21.36
C GLY B 517 5.03 9.24 -20.29
N HIS B 518 5.70 9.78 -19.25
CA HIS B 518 5.03 10.22 -18.04
C HIS B 518 5.67 11.54 -17.59
N GLU B 519 5.89 12.41 -18.58
CA GLU B 519 6.41 13.75 -18.41
C GLU B 519 5.30 14.74 -18.77
N TRP B 520 5.02 15.69 -17.86
CA TRP B 520 4.04 16.73 -18.12
C TRP B 520 4.39 17.52 -19.37
N TYR B 521 5.67 17.81 -19.54
CA TYR B 521 6.18 18.39 -20.76
C TYR B 521 7.49 17.67 -21.10
N PRO B 522 7.49 16.78 -22.11
CA PRO B 522 8.71 16.02 -22.44
C PRO B 522 9.91 16.94 -22.61
N GLY B 523 10.98 16.55 -21.92
CA GLY B 523 12.19 17.35 -21.81
C GLY B 523 12.01 18.61 -20.96
N GLY B 524 10.85 18.85 -20.35
CA GLY B 524 10.69 20.04 -19.53
C GLY B 524 11.38 19.95 -18.16
N GLY B 525 11.64 18.72 -17.67
CA GLY B 525 11.85 18.50 -16.24
C GLY B 525 13.15 19.07 -15.69
N PHE B 526 13.12 19.46 -14.39
CA PHE B 526 14.28 19.89 -13.64
C PHE B 526 14.17 19.34 -12.21
N SER B 527 15.27 19.40 -11.46
CA SER B 527 15.29 18.93 -10.08
C SER B 527 16.47 19.56 -9.38
N TYR B 528 16.65 19.26 -8.10
CA TYR B 528 17.85 19.67 -7.39
C TYR B 528 19.07 18.82 -7.70
N GLU B 529 18.88 17.65 -8.33
CA GLU B 529 20.00 16.81 -8.74
C GLU B 529 19.44 15.71 -9.62
N ASP B 530 19.66 15.86 -10.94
CA ASP B 530 19.15 14.93 -11.92
C ASP B 530 19.93 13.63 -11.79
N GLN B 531 19.17 12.54 -11.66
CA GLN B 531 19.80 11.24 -11.51
C GLN B 531 19.96 10.63 -12.90
N PRO B 532 21.09 9.93 -13.16
CA PRO B 532 21.31 9.34 -14.50
C PRO B 532 20.45 8.13 -14.84
N ASP B 533 19.98 7.44 -13.79
CA ASP B 533 19.25 6.20 -13.93
C ASP B 533 18.58 5.88 -12.57
N LEU B 534 17.64 4.93 -12.62
CA LEU B 534 16.85 4.59 -11.44
C LEU B 534 17.69 3.91 -10.38
N ALA B 535 18.75 3.18 -10.73
CA ALA B 535 19.58 2.52 -9.72
C ALA B 535 20.30 3.56 -8.89
N HIS B 536 20.75 4.63 -9.57
CA HIS B 536 21.40 5.73 -8.88
C HIS B 536 20.40 6.44 -7.97
N LEU B 537 19.18 6.67 -8.52
CA LEU B 537 18.11 7.30 -7.75
C LEU B 537 17.86 6.52 -6.45
N ASN B 538 17.71 5.19 -6.56
CA ASN B 538 17.49 4.38 -5.38
C ASN B 538 18.65 4.46 -4.38
N ASN B 539 19.89 4.33 -4.86
CA ASN B 539 21.04 4.33 -3.96
C ASN B 539 21.16 5.69 -3.27
N ARG B 540 20.90 6.77 -4.01
CA ARG B 540 21.01 8.12 -3.51
C ARG B 540 20.00 8.33 -2.39
N PHE B 541 18.74 7.96 -2.66
CA PHE B 541 17.66 8.11 -1.70
C PHE B 541 17.97 7.34 -0.42
N VAL B 542 18.30 6.05 -0.59
CA VAL B 542 18.55 5.18 0.56
C VAL B 542 19.76 5.68 1.37
N GLY B 543 20.79 6.16 0.67
CA GLY B 543 21.94 6.72 1.35
C GLY B 543 21.56 7.91 2.26
N LEU B 544 20.60 8.72 1.82
CA LEU B 544 20.17 9.88 2.61
C LEU B 544 19.44 9.38 3.85
N ILE B 545 18.52 8.40 3.70
CA ILE B 545 17.76 7.95 4.85
C ILE B 545 18.68 7.25 5.85
N ASP B 546 19.58 6.41 5.31
CA ASP B 546 20.54 5.74 6.19
C ASP B 546 21.39 6.76 6.93
N ALA B 547 21.78 7.86 6.30
CA ALA B 547 22.60 8.86 6.97
C ALA B 547 21.80 9.58 8.07
N ILE B 548 20.51 9.82 7.83
CA ILE B 548 19.64 10.33 8.88
C ILE B 548 19.58 9.31 10.03
N ARG B 549 19.35 8.02 9.71
CA ARG B 549 19.23 7.02 10.76
C ARG B 549 20.53 6.91 11.57
N GLU B 550 21.66 6.87 10.87
CA GLU B 550 22.92 6.52 11.54
C GLU B 550 23.59 7.71 12.19
N VAL B 551 23.40 8.91 11.67
CA VAL B 551 24.17 10.05 12.15
C VAL B 551 23.27 11.19 12.65
N ARG B 552 22.33 11.66 11.79
CA ARG B 552 21.58 12.87 12.13
C ARG B 552 20.57 12.63 13.25
N MET B 553 19.80 11.53 13.21
CA MET B 553 18.77 11.27 14.19
C MET B 553 19.44 11.10 15.57
N PRO B 554 20.50 10.29 15.75
CA PRO B 554 21.16 10.22 17.06
C PRO B 554 21.70 11.58 17.55
N ARG B 555 22.10 12.47 16.63
CA ARG B 555 22.61 13.80 16.96
C ARG B 555 21.44 14.75 17.32
N GLY B 556 20.19 14.32 17.10
CA GLY B 556 19.00 15.06 17.55
C GLY B 556 18.03 15.48 16.46
N LEU B 557 18.21 15.05 15.20
CA LEU B 557 17.19 15.29 14.18
C LEU B 557 15.98 14.40 14.50
N SER B 558 14.78 14.97 14.38
CA SER B 558 13.55 14.31 14.82
C SER B 558 12.52 14.11 13.71
N ALA B 559 12.72 14.76 12.55
CA ALA B 559 11.84 14.58 11.42
C ALA B 559 12.54 15.02 10.14
N SER B 560 12.07 14.47 9.02
CA SER B 560 12.56 14.82 7.70
C SER B 560 11.42 14.79 6.69
N VAL B 561 11.50 15.68 5.71
CA VAL B 561 10.48 15.82 4.71
C VAL B 561 11.14 15.71 3.33
N TYR B 562 10.97 14.54 2.68
CA TYR B 562 11.54 14.26 1.39
C TYR B 562 10.73 14.93 0.27
N THR B 563 11.39 15.77 -0.54
CA THR B 563 10.77 16.33 -1.72
C THR B 563 10.95 15.39 -2.93
N GLU B 564 9.87 14.79 -3.43
CA GLU B 564 8.49 14.97 -3.01
C GLU B 564 7.72 13.71 -3.43
N ILE B 565 6.44 13.59 -3.06
CA ILE B 565 5.72 12.36 -3.35
C ILE B 565 5.50 12.20 -4.88
N THR B 566 5.04 13.25 -5.59
CA THR B 566 4.88 13.15 -7.05
C THR B 566 5.64 14.27 -7.73
N ASP B 567 6.05 14.03 -8.97
CA ASP B 567 6.37 15.10 -9.88
C ASP B 567 5.23 16.12 -9.84
N VAL B 568 5.57 17.40 -10.06
CA VAL B 568 4.53 18.38 -10.27
C VAL B 568 4.99 19.30 -11.43
N GLU B 569 4.21 19.32 -12.50
CA GLU B 569 4.62 20.04 -13.72
C GLU B 569 6.00 19.59 -14.16
N ASN B 570 6.98 20.51 -14.29
CA ASN B 570 8.33 20.20 -14.72
C ASN B 570 9.29 19.97 -13.55
N GLU B 571 8.75 19.89 -12.32
CA GLU B 571 9.58 19.52 -11.20
C GLU B 571 9.48 18.00 -11.06
N VAL B 572 10.51 17.30 -11.53
CA VAL B 572 10.44 15.86 -11.74
C VAL B 572 11.22 15.13 -10.64
N ASN B 573 10.94 15.52 -9.38
CA ASN B 573 11.55 14.86 -8.25
C ASN B 573 10.54 14.13 -7.36
N GLY B 574 9.38 13.75 -7.93
CA GLY B 574 8.51 12.77 -7.30
C GLY B 574 9.15 11.38 -7.17
N LEU B 575 8.80 10.70 -6.06
CA LEU B 575 8.86 9.24 -6.00
C LEU B 575 7.95 8.61 -7.06
N LEU B 576 6.87 9.31 -7.39
CA LEU B 576 5.88 8.93 -8.40
C LEU B 576 5.88 10.00 -9.48
N THR B 577 5.45 9.61 -10.69
CA THR B 577 5.20 10.56 -11.76
C THR B 577 3.94 11.35 -11.43
N TYR B 578 3.74 12.46 -12.13
CA TYR B 578 2.68 13.40 -11.82
C TYR B 578 1.30 12.81 -12.10
N ASP B 579 1.24 11.84 -13.04
CA ASP B 579 -0.02 11.16 -13.37
C ASP B 579 -0.29 9.97 -12.45
N ARG B 580 0.60 9.74 -11.48
CA ARG B 580 0.45 8.66 -10.51
C ARG B 580 0.55 7.28 -11.17
N GLN B 581 1.07 7.23 -12.41
CA GLN B 581 1.13 6.01 -13.20
C GLN B 581 2.33 5.15 -12.83
N VAL B 582 3.45 5.79 -12.45
CA VAL B 582 4.71 5.09 -12.26
C VAL B 582 5.31 5.45 -10.92
N VAL B 583 5.60 4.43 -10.11
CA VAL B 583 6.47 4.57 -8.96
C VAL B 583 7.89 4.38 -9.45
N LYS B 584 8.71 5.44 -9.41
CA LYS B 584 10.03 5.41 -10.01
C LYS B 584 10.97 4.55 -9.18
N VAL B 585 10.74 4.50 -7.87
CA VAL B 585 11.74 4.02 -6.93
C VAL B 585 11.48 2.55 -6.62
N ASP B 586 12.49 1.91 -6.05
CA ASP B 586 12.38 0.57 -5.53
C ASP B 586 11.61 0.66 -4.21
N GLU B 587 10.29 0.55 -4.31
CA GLU B 587 9.36 0.82 -3.21
C GLU B 587 9.73 0.02 -1.96
N ALA B 588 10.06 -1.26 -2.14
CA ALA B 588 10.42 -2.09 -1.00
C ALA B 588 11.66 -1.56 -0.26
N ARG B 589 12.66 -1.08 -0.99
CA ARG B 589 13.90 -0.65 -0.39
C ARG B 589 13.70 0.67 0.35
N VAL B 590 12.90 1.54 -0.26
CA VAL B 590 12.50 2.80 0.36
C VAL B 590 11.76 2.49 1.67
N ARG B 591 10.83 1.55 1.62
CA ARG B 591 10.04 1.19 2.79
C ARG B 591 10.97 0.69 3.90
N ALA B 592 11.91 -0.20 3.56
CA ALA B 592 12.86 -0.72 4.51
C ALA B 592 13.74 0.38 5.11
N ALA B 593 14.21 1.35 4.31
CA ALA B 593 15.04 2.40 4.87
C ALA B 593 14.27 3.24 5.88
N ASN B 594 13.05 3.61 5.51
CA ASN B 594 12.15 4.35 6.39
C ASN B 594 11.81 3.58 7.67
N ARG B 595 11.48 2.31 7.55
CA ARG B 595 11.12 1.50 8.71
CA ARG B 595 11.11 1.52 8.72
C ARG B 595 12.33 1.36 9.63
N ALA B 596 13.53 1.19 9.06
CA ALA B 596 14.74 1.06 9.87
C ALA B 596 14.94 2.33 10.68
N LEU B 597 14.74 3.49 10.05
CA LEU B 597 14.87 4.80 10.68
C LEU B 597 13.87 4.92 11.84
N ILE B 598 12.62 4.58 11.55
CA ILE B 598 11.56 4.69 12.55
C ILE B 598 11.86 3.75 13.72
N ASP B 599 12.13 2.48 13.41
CA ASP B 599 12.47 1.48 14.41
C ASP B 599 13.66 1.93 15.25
N ALA B 600 14.71 2.44 14.61
CA ALA B 600 15.89 2.87 15.36
C ALA B 600 15.53 3.99 16.33
N SER B 601 14.63 4.89 15.92
CA SER B 601 14.35 6.10 16.69
C SER B 601 13.62 5.74 17.99
N ARG B 602 12.97 4.56 18.01
CA ARG B 602 12.22 4.17 19.19
C ARG B 602 13.14 3.60 20.28
N GLY B 603 14.38 3.22 19.95
CA GLY B 603 15.33 2.85 20.98
C GLY B 603 15.63 4.03 21.90
O1 P6G C . -22.38 -17.16 -33.39
C2 P6G C . -21.61 -18.31 -33.63
C3 P6G C . -20.26 -18.05 -34.21
O4 P6G C . -19.46 -19.23 -34.11
C5 P6G C . -19.92 -20.33 -34.89
C6 P6G C . -20.03 -21.55 -34.03
O7 P6G C . -18.91 -21.68 -33.18
C8 P6G C . -18.90 -22.91 -32.46
C9 P6G C . -17.81 -22.89 -31.44
O10 P6G C . -16.58 -22.57 -32.07
C11 P6G C . -15.63 -23.62 -31.96
C12 P6G C . -14.29 -23.02 -31.93
O13 P6G C . -13.79 -22.83 -33.26
C14 P6G C . -12.40 -23.05 -33.40
C15 P6G C . -11.92 -23.93 -32.29
O16 P6G C . -10.63 -24.44 -32.55
C17 P6G C . -10.26 -25.46 -31.63
C18 P6G C . -9.90 -26.71 -32.37
O19 P6G C . -10.18 -27.89 -31.62
C1 MPD D . 3.67 -44.68 -8.40
C2 MPD D . 4.78 -43.80 -7.81
O2 MPD D . 4.37 -43.25 -6.54
CM MPD D . 5.08 -42.63 -8.75
C3 MPD D . 6.08 -44.55 -7.48
C4 MPD D . 6.37 -45.99 -7.80
O4 MPD D . 6.37 -46.31 -9.19
C5 MPD D . 7.73 -46.30 -7.24
C1 MPD E . 13.25 -22.40 -13.58
C2 MPD E . 12.73 -20.97 -13.57
O2 MPD E . 11.91 -20.98 -12.38
CM MPD E . 11.92 -20.69 -14.84
C3 MPD E . 13.87 -19.95 -13.49
C4 MPD E . 14.94 -20.14 -12.45
O4 MPD E . 15.90 -21.08 -12.93
C5 MPD E . 15.67 -18.88 -12.09
C4 A1L3Z F . -3.54 -28.08 11.42
C5 A1L3Z F . -3.13 -27.99 9.95
C6 A1L3Z F . -3.13 -26.48 9.64
N1 A1L3Z F . -3.46 -26.67 11.93
C3 A1L3Z F . -3.91 -25.81 10.77
O1 A1L3Z F . -5.40 -23.72 9.34
C1 A1L3Z F . -4.10 -23.48 9.84
C2 A1L3Z F . -3.68 -24.34 11.02
O2 A1L3Z F . -4.43 -23.93 12.18
O3 A1L3Z F . -1.84 -28.54 9.71
O4 A1L3Z F . -3.75 -26.21 8.39
MG MG G . -8.27 -24.61 -7.52
O1 PG4 H . 0.54 -0.75 -11.14
C1 PG4 H . 0.76 0.50 -11.74
C2 PG4 H . 0.26 1.60 -10.88
O2 PG4 H . -0.93 2.18 -11.42
C3 PG4 H . -1.30 3.38 -10.76
C4 PG4 H . -2.09 3.07 -9.53
O3 PG4 H . -3.25 2.33 -9.87
C5 PG4 H . -4.43 2.75 -9.17
C6 PG4 H . -5.54 1.79 -9.43
O4 PG4 H . -6.49 2.28 -10.35
C7 PG4 H . -7.72 1.57 -10.25
C8 PG4 H . -8.84 2.38 -10.78
O5 PG4 H . -10.08 2.05 -10.16
C1 MPD I . -2.94 41.46 12.15
C2 MPD I . -1.66 42.26 12.32
O2 MPD I . -0.69 41.58 11.50
CM MPD I . -1.82 43.66 11.76
C3 MPD I . -1.19 42.19 13.77
C4 MPD I . -0.91 43.44 14.57
O4 MPD I . -2.10 44.16 14.77
C5 MPD I . -0.31 43.09 15.92
C4 A1L3Z J . 11.77 25.26 -1.87
C5 A1L3Z J . 10.31 25.50 -1.48
C6 A1L3Z J . 9.53 24.31 -2.08
N1 A1L3Z J . 11.80 23.84 -2.38
C3 A1L3Z J . 10.51 23.72 -3.11
O1 A1L3Z J . 8.66 22.93 -5.26
C1 A1L3Z J . 8.88 22.08 -4.12
C2 A1L3Z J . 10.23 22.27 -3.47
O2 A1L3Z J . 11.28 21.81 -4.33
O3 A1L3Z J . 10.13 25.57 -0.08
O4 A1L3Z J . 8.31 24.79 -2.67
MG MG K . -6.51 30.56 -7.11
#